data_6YB8
#
_entry.id   6YB8
#
_cell.length_a   60.878
_cell.length_b   153.922
_cell.length_c   223.565
_cell.angle_alpha   90.000
_cell.angle_beta   90.000
_cell.angle_gamma   90.000
#
_symmetry.space_group_name_H-M   'I 2 2 2'
#
loop_
_entity.id
_entity.type
_entity.pdbx_description
1 polymer 'Multifunctional protein ADE2'
2 non-polymer '5-AMINO-1-(5-O-PHOSPHONO-BETA-D-RIBOFURANOSYL)-1H-IMIDAZOLE-4-CARBOXYLIC ACID'
3 non-polymer '(2~{S})-2-[[5-azanyl-1-[(2~{R},3~{R},4~{S},5~{R})-3,4-bis(oxidanyl)-5-(phosphonooxymethyl)oxolan-2-yl]imidazol-4-yl]car bonylamino]butanedioic acid'
4 non-polymer IMIDAZOLE
5 non-polymer 1,2-ETHANEDIOL
6 water water
#
_entity_poly.entity_id   1
_entity_poly.type   'polypeptide(L)'
_entity_poly.pdbx_seq_one_letter_code
;MATAEVLNIGKKLYEGKTKEVYELLDSPGKVLLQSKDQITAGNAARKNHLEGKAAISNKITSCIFQLLQEAGIKTAFTRK
CGETAFIAPQCEMIPIEWVCRRIATGSFLKRNPGVKEGYKFYPPKVELFFKDDANNDPQWSEEQLIAAKFCFAGLLIGQT
EVDIMSHATQAIFEILEKSWLPQNCTLVDMKIEFGVDVTTKEIVLADVIDNDSWRLWPSGDRSQQKDKQSYRDLKEVTPE
GLQMVKKNFEWVAERVELLLKSESQCRVVVLMGSTSDLGHCEKIKKACGNFGIPCELRVTSAHKGPDETLRIKAEYEGDG
IPTVFVAVAGRSNGLGPVMSGNTAYPVISCPPLTPDWGVQDVWSSLRLPSGLGCSTVLSPEGSAQFAAQIFGLSNHLVWS
KLRASILNTWISLKQADKKIRECNL
;
_entity_poly.pdbx_strand_id   A,B
#
# COMPACT_ATOMS: atom_id res chain seq x y z
N LEU A 7 13.07 43.23 -3.29
CA LEU A 7 13.95 42.17 -3.90
C LEU A 7 15.15 42.84 -4.60
N ASN A 8 16.23 43.10 -3.85
CA ASN A 8 17.36 43.99 -4.28
C ASN A 8 18.47 43.13 -4.93
N ILE A 9 18.40 42.99 -6.26
CA ILE A 9 19.37 42.24 -7.12
C ILE A 9 20.71 42.98 -7.11
N GLY A 10 21.83 42.26 -7.20
CA GLY A 10 23.19 42.83 -7.25
C GLY A 10 23.88 42.46 -8.54
N LYS A 11 25.20 42.20 -8.51
CA LYS A 11 25.98 41.83 -9.72
C LYS A 11 25.61 40.44 -10.28
N LYS A 12 25.80 40.24 -11.57
CA LYS A 12 25.75 38.93 -12.28
C LYS A 12 26.96 38.11 -11.86
N LEU A 13 26.76 36.96 -11.19
CA LEU A 13 27.88 36.18 -10.60
C LEU A 13 28.38 35.12 -11.58
N TYR A 14 27.46 34.45 -12.27
CA TYR A 14 27.72 33.41 -13.29
C TYR A 14 26.64 33.57 -14.36
N GLU A 15 26.97 33.28 -15.62
CA GLU A 15 26.03 33.31 -16.77
C GLU A 15 26.25 32.07 -17.62
N GLY A 16 25.23 31.21 -17.70
CA GLY A 16 25.21 29.95 -18.46
C GLY A 16 24.32 30.07 -19.69
N LYS A 17 24.08 28.95 -20.37
CA LYS A 17 23.38 28.94 -21.68
C LYS A 17 21.87 29.12 -21.46
N THR A 18 21.32 28.68 -20.31
CA THR A 18 19.85 28.66 -20.00
C THR A 18 19.50 29.33 -18.66
N LYS A 19 20.47 29.86 -17.91
CA LYS A 19 20.19 30.48 -16.59
C LYS A 19 21.33 31.43 -16.19
N GLU A 20 21.04 32.38 -15.30
CA GLU A 20 21.99 33.36 -14.72
C GLU A 20 21.82 33.36 -13.21
N VAL A 21 22.91 33.52 -12.47
CA VAL A 21 22.91 33.60 -10.99
C VAL A 21 23.28 35.03 -10.63
N TYR A 22 22.49 35.65 -9.76
CA TYR A 22 22.72 37.03 -9.28
C TYR A 22 22.94 37.00 -7.77
N GLU A 23 23.67 37.98 -7.23
CA GLU A 23 23.82 38.17 -5.76
C GLU A 23 22.53 38.83 -5.25
N LEU A 24 22.28 38.75 -3.95
CA LEU A 24 21.16 39.42 -3.26
C LEU A 24 21.77 40.27 -2.15
N LEU A 25 21.72 41.60 -2.31
CA LEU A 25 22.37 42.57 -1.40
C LEU A 25 21.65 42.53 -0.04
N ASP A 26 20.34 42.31 -0.06
CA ASP A 26 19.44 42.13 1.12
C ASP A 26 19.78 40.84 1.91
N SER A 27 20.28 39.77 1.27
CA SER A 27 20.40 38.40 1.85
C SER A 27 21.84 37.88 1.77
N PRO A 28 22.63 37.88 2.87
CA PRO A 28 24.00 37.36 2.79
C PRO A 28 23.90 35.85 2.54
N GLY A 29 24.74 35.31 1.64
CA GLY A 29 24.89 33.86 1.43
C GLY A 29 23.71 33.22 0.68
N LYS A 30 22.86 34.00 0.04
CA LYS A 30 21.76 33.51 -0.83
C LYS A 30 21.91 34.13 -2.20
N VAL A 31 21.49 33.43 -3.24
CA VAL A 31 21.57 33.92 -4.64
C VAL A 31 20.24 33.62 -5.32
N LEU A 32 20.01 34.29 -6.44
CA LEU A 32 18.81 34.12 -7.27
C LEU A 32 19.25 33.45 -8.58
N LEU A 33 18.70 32.28 -8.89
CA LEU A 33 18.88 31.59 -10.20
C LEU A 33 17.70 31.94 -11.10
N GLN A 34 17.98 32.70 -12.15
CA GLN A 34 17.00 33.21 -13.14
C GLN A 34 17.13 32.29 -14.34
N SER A 35 16.07 31.55 -14.69
CA SER A 35 16.05 30.71 -15.91
C SER A 35 15.85 31.65 -17.10
N LYS A 36 16.17 31.18 -18.32
CA LYS A 36 16.08 31.95 -19.60
C LYS A 36 15.18 31.20 -20.56
N ASP A 37 14.61 31.91 -21.54
CA ASP A 37 13.73 31.37 -22.59
C ASP A 37 14.61 30.83 -23.73
N GLN A 38 15.50 29.90 -23.40
CA GLN A 38 16.55 29.40 -24.31
C GLN A 38 16.60 27.87 -24.19
N ILE A 39 16.67 27.16 -25.31
CA ILE A 39 16.99 25.71 -25.33
C ILE A 39 18.27 25.51 -26.15
N THR A 40 19.15 24.60 -25.73
CA THR A 40 20.43 24.27 -26.40
C THR A 40 20.66 22.75 -26.36
N ALA A 41 21.55 22.26 -27.23
CA ALA A 41 22.00 20.85 -27.24
C ALA A 41 23.32 20.79 -28.00
N GLY A 42 24.25 20.00 -27.48
CA GLY A 42 25.57 19.78 -28.08
C GLY A 42 26.41 21.03 -27.99
N ASN A 43 27.61 21.02 -28.58
CA ASN A 43 28.64 22.09 -28.49
C ASN A 43 28.93 22.61 -29.91
N ALA A 44 27.91 22.59 -30.77
CA ALA A 44 27.84 23.31 -32.06
C ALA A 44 26.74 24.37 -31.91
N ALA A 45 25.99 24.66 -32.98
CA ALA A 45 25.01 25.78 -33.03
C ALA A 45 23.56 25.27 -32.85
N ARG A 46 23.30 24.18 -32.13
CA ARG A 46 21.89 23.83 -31.82
C ARG A 46 21.46 24.65 -30.59
N LYS A 47 20.74 25.74 -30.85
CA LYS A 47 20.35 26.77 -29.84
C LYS A 47 19.10 27.47 -30.39
N ASN A 48 18.14 27.80 -29.54
CA ASN A 48 16.82 28.30 -30.00
C ASN A 48 16.15 29.07 -28.87
N HIS A 49 15.50 30.17 -29.21
CA HIS A 49 14.57 30.88 -28.31
C HIS A 49 13.34 29.99 -28.20
N LEU A 50 12.81 29.84 -27.00
CA LEU A 50 11.58 29.04 -26.79
C LEU A 50 10.78 29.73 -25.69
N GLU A 51 9.64 30.32 -26.06
CA GLU A 51 8.90 31.16 -25.11
C GLU A 51 8.23 30.21 -24.11
N GLY A 52 8.31 30.55 -22.82
CA GLY A 52 7.65 29.80 -21.74
C GLY A 52 8.58 28.79 -21.10
N LYS A 53 9.79 28.62 -21.68
CA LYS A 53 10.76 27.61 -21.23
C LYS A 53 11.30 28.03 -19.86
N ALA A 54 11.63 29.30 -19.63
CA ALA A 54 12.13 29.79 -18.32
C ALA A 54 11.18 29.36 -17.20
N ALA A 55 9.87 29.41 -17.47
CA ALA A 55 8.80 29.24 -16.46
C ALA A 55 8.61 27.75 -16.22
N ILE A 56 8.65 26.98 -17.30
CA ILE A 56 8.59 25.49 -17.25
C ILE A 56 9.79 24.96 -16.45
N SER A 57 11.00 25.44 -16.76
CA SER A 57 12.27 24.96 -16.12
C SER A 57 12.21 25.27 -14.63
N ASN A 58 11.81 26.51 -14.30
CA ASN A 58 11.82 27.04 -12.92
C ASN A 58 10.76 26.28 -12.10
N LYS A 59 9.60 26.03 -12.71
CA LYS A 59 8.51 25.29 -12.06
C LYS A 59 9.01 23.87 -11.71
N ILE A 60 9.61 23.19 -12.66
CA ILE A 60 10.06 21.77 -12.48
C ILE A 60 11.15 21.74 -11.42
N THR A 61 12.20 22.52 -11.55
CA THR A 61 13.27 22.47 -10.52
C THR A 61 12.73 22.87 -9.13
N SER A 62 11.73 23.74 -9.08
CA SER A 62 11.16 24.20 -7.78
C SER A 62 10.35 23.08 -7.15
N CYS A 63 9.51 22.39 -7.90
CA CYS A 63 8.76 21.21 -7.42
C CYS A 63 9.75 20.11 -7.00
N ILE A 64 10.73 19.82 -7.84
CA ILE A 64 11.64 18.66 -7.61
C ILE A 64 12.50 18.98 -6.40
N PHE A 65 13.01 20.20 -6.27
CA PHE A 65 13.89 20.50 -5.12
C PHE A 65 13.07 20.48 -3.84
N GLN A 66 11.83 20.96 -3.88
CA GLN A 66 10.95 20.92 -2.69
C GLN A 66 10.75 19.45 -2.30
N LEU A 67 10.46 18.60 -3.28
CA LEU A 67 10.24 17.15 -3.10
C LEU A 67 11.49 16.58 -2.45
N LEU A 68 12.65 16.80 -3.03
CA LEU A 68 13.88 16.15 -2.49
C LEU A 68 14.20 16.74 -1.12
N GLN A 69 14.01 18.03 -0.91
CA GLN A 69 14.39 18.69 0.37
C GLN A 69 13.50 18.18 1.51
N GLU A 70 12.21 18.01 1.26
CA GLU A 70 11.18 17.54 2.25
C GLU A 70 11.37 16.03 2.54
N ALA A 71 11.97 15.28 1.63
CA ALA A 71 12.43 13.89 1.85
C ALA A 71 13.61 13.86 2.82
N GLY A 72 14.45 14.90 2.82
CA GLY A 72 15.66 15.03 3.67
C GLY A 72 16.94 15.04 2.86
N ILE A 73 16.87 15.21 1.54
CA ILE A 73 18.11 15.35 0.70
C ILE A 73 18.62 16.78 0.86
N LYS A 74 19.89 16.95 1.24
CA LYS A 74 20.47 18.32 1.43
C LYS A 74 20.59 19.01 0.08
N THR A 75 19.92 20.15 -0.11
CA THR A 75 19.69 20.73 -1.47
C THR A 75 19.79 22.26 -1.42
N ALA A 76 20.46 22.85 -2.40
CA ALA A 76 20.59 24.32 -2.53
C ALA A 76 19.29 24.88 -3.12
N PHE A 77 18.31 25.05 -2.25
CA PHE A 77 16.96 25.56 -2.53
C PHE A 77 16.38 26.24 -1.28
N THR A 78 15.95 27.48 -1.42
CA THR A 78 15.28 28.23 -0.35
C THR A 78 13.80 28.27 -0.71
N ARG A 79 13.42 28.96 -1.78
CA ARG A 79 11.99 29.02 -2.23
C ARG A 79 11.91 29.47 -3.69
N LYS A 80 10.79 29.18 -4.33
CA LYS A 80 10.45 29.78 -5.63
C LYS A 80 10.31 31.30 -5.47
N CYS A 81 10.60 32.04 -6.52
CA CYS A 81 10.68 33.51 -6.48
C CYS A 81 10.18 34.05 -7.82
N GLY A 82 8.89 33.96 -8.05
CA GLY A 82 8.26 34.34 -9.30
C GLY A 82 8.24 33.18 -10.25
N GLU A 83 7.81 33.43 -11.48
CA GLU A 83 7.45 32.36 -12.45
C GLU A 83 8.75 31.70 -12.94
N THR A 84 9.87 32.44 -12.92
CA THR A 84 11.07 32.12 -13.73
C THR A 84 12.35 32.16 -12.89
N ALA A 85 12.28 32.28 -11.57
CA ALA A 85 13.49 32.24 -10.71
C ALA A 85 13.18 31.51 -9.40
N PHE A 86 14.25 31.25 -8.65
CA PHE A 86 14.20 30.63 -7.32
C PHE A 86 15.43 31.12 -6.57
N ILE A 87 15.31 31.18 -5.24
CA ILE A 87 16.39 31.62 -4.33
C ILE A 87 17.06 30.35 -3.79
N ALA A 88 18.39 30.40 -3.66
CA ALA A 88 19.21 29.25 -3.24
C ALA A 88 20.29 29.78 -2.34
N PRO A 89 20.77 28.96 -1.38
CA PRO A 89 22.04 29.22 -0.73
C PRO A 89 23.17 29.25 -1.76
N GLN A 90 24.07 30.20 -1.59
CA GLN A 90 25.25 30.40 -2.45
C GLN A 90 26.14 29.16 -2.30
N CYS A 91 26.56 28.55 -3.41
CA CYS A 91 27.52 27.43 -3.42
C CYS A 91 28.65 27.69 -4.40
N GLU A 92 29.78 27.06 -4.18
CA GLU A 92 30.86 26.85 -5.18
C GLU A 92 30.60 25.51 -5.87
N MET A 93 30.25 25.55 -7.16
CA MET A 93 29.85 24.35 -7.92
C MET A 93 31.08 23.44 -8.11
N ILE A 94 30.87 22.11 -7.97
CA ILE A 94 31.85 21.07 -8.33
C ILE A 94 31.66 20.75 -9.79
N PRO A 95 32.69 20.93 -10.65
CA PRO A 95 32.49 20.86 -12.09
C PRO A 95 32.45 19.41 -12.58
N ILE A 96 31.52 18.64 -12.03
CA ILE A 96 31.27 17.23 -12.44
C ILE A 96 29.79 17.10 -12.75
N GLU A 97 29.50 16.44 -13.86
CA GLU A 97 28.15 15.94 -14.22
C GLU A 97 28.02 14.51 -13.70
N TRP A 98 27.15 14.30 -12.74
CA TRP A 98 26.90 12.98 -12.11
C TRP A 98 25.69 12.37 -12.78
N VAL A 99 25.89 11.27 -13.50
CA VAL A 99 24.78 10.57 -14.20
C VAL A 99 24.43 9.30 -13.44
N CYS A 100 23.13 9.04 -13.33
CA CYS A 100 22.59 7.76 -12.81
C CYS A 100 21.65 7.15 -13.85
N ARG A 101 21.73 5.84 -14.04
CA ARG A 101 20.93 5.11 -15.06
C ARG A 101 20.21 3.96 -14.40
N ARG A 102 18.92 3.80 -14.70
CA ARG A 102 18.20 2.52 -14.53
C ARG A 102 18.27 1.68 -15.81
N ILE A 103 18.16 2.32 -16.98
CA ILE A 103 18.04 1.63 -18.29
C ILE A 103 19.17 2.14 -19.17
N ALA A 104 19.92 1.25 -19.80
CA ALA A 104 21.00 1.65 -20.71
C ALA A 104 20.38 2.21 -21.97
N THR A 105 20.67 3.48 -22.26
CA THR A 105 20.43 4.13 -23.57
C THR A 105 21.54 5.18 -23.78
N GLY A 106 21.43 6.01 -24.82
CA GLY A 106 22.27 7.21 -24.98
C GLY A 106 23.75 6.86 -25.01
N SER A 107 24.58 7.60 -24.27
CA SER A 107 26.04 7.48 -24.37
C SER A 107 26.47 6.18 -23.71
N PHE A 108 25.65 5.57 -22.87
CA PHE A 108 26.06 4.26 -22.30
C PHE A 108 26.22 3.24 -23.44
N LEU A 109 25.30 3.26 -24.40
CA LEU A 109 25.39 2.38 -25.60
C LEU A 109 26.60 2.74 -26.45
N LYS A 110 26.93 4.02 -26.64
CA LYS A 110 28.10 4.40 -27.50
C LYS A 110 29.38 3.88 -26.86
N ARG A 111 29.55 4.02 -25.55
CA ARG A 111 30.83 3.70 -24.87
C ARG A 111 30.89 2.18 -24.58
N ASN A 112 29.77 1.47 -24.74
CA ASN A 112 29.70 0.01 -24.48
C ASN A 112 29.05 -0.75 -25.63
N PRO A 113 29.64 -0.74 -26.86
CA PRO A 113 29.05 -1.41 -28.02
C PRO A 113 28.84 -2.90 -27.69
N GLY A 114 27.68 -3.41 -28.08
CA GLY A 114 27.24 -4.77 -27.75
C GLY A 114 26.09 -4.71 -26.77
N VAL A 115 26.08 -3.76 -25.85
CA VAL A 115 24.96 -3.65 -24.89
C VAL A 115 23.76 -3.12 -25.65
N LYS A 116 22.58 -3.66 -25.39
CA LYS A 116 21.34 -3.32 -26.12
C LYS A 116 20.53 -2.29 -25.32
N GLU A 117 19.86 -1.38 -26.02
CA GLU A 117 18.77 -0.55 -25.49
C GLU A 117 17.95 -1.41 -24.52
N GLY A 118 17.77 -1.02 -23.24
CA GLY A 118 16.84 -1.67 -22.29
C GLY A 118 17.52 -2.49 -21.21
N TYR A 119 18.84 -2.68 -21.29
CA TYR A 119 19.59 -3.37 -20.20
C TYR A 119 19.32 -2.65 -18.88
N LYS A 120 18.94 -3.39 -17.85
CA LYS A 120 18.58 -2.81 -16.53
C LYS A 120 19.77 -2.86 -15.56
N PHE A 121 19.99 -1.76 -14.86
CA PHE A 121 21.04 -1.63 -13.84
C PHE A 121 20.41 -1.85 -12.47
N TYR A 122 20.90 -2.87 -11.76
CA TYR A 122 20.58 -3.19 -10.37
C TYR A 122 21.91 -3.32 -9.61
N PRO A 123 22.32 -2.36 -8.75
CA PRO A 123 21.59 -1.12 -8.50
C PRO A 123 21.85 -0.11 -9.61
N PRO A 124 21.21 1.08 -9.58
CA PRO A 124 21.35 2.05 -10.65
C PRO A 124 22.82 2.43 -10.82
N LYS A 125 23.27 2.54 -12.07
CA LYS A 125 24.69 2.79 -12.43
C LYS A 125 24.95 4.30 -12.33
N VAL A 126 26.06 4.67 -11.68
CA VAL A 126 26.58 6.05 -11.47
C VAL A 126 27.82 6.25 -12.33
N GLU A 127 27.86 7.34 -13.10
CA GLU A 127 29.04 7.72 -13.91
C GLU A 127 29.31 9.20 -13.66
N LEU A 128 30.55 9.62 -13.89
CA LEU A 128 31.01 11.04 -13.71
C LEU A 128 31.50 11.54 -15.07
N PHE A 129 31.15 12.77 -15.43
CA PHE A 129 31.71 13.49 -16.59
C PHE A 129 32.25 14.83 -16.08
N PHE A 130 33.50 15.16 -16.44
CA PHE A 130 34.13 16.47 -16.19
C PHE A 130 33.48 17.52 -17.07
N LYS A 131 33.05 18.64 -16.47
CA LYS A 131 32.47 19.81 -17.19
C LYS A 131 33.58 20.61 -17.90
N ASP A 132 33.49 20.64 -19.22
CA ASP A 132 34.46 21.26 -20.16
C ASP A 132 33.74 21.11 -21.50
N ASP A 133 33.31 22.22 -22.11
CA ASP A 133 32.55 22.19 -23.39
C ASP A 133 33.51 21.94 -24.54
N ALA A 134 34.67 22.59 -24.49
CA ALA A 134 35.82 22.47 -25.41
C ALA A 134 36.11 21.02 -25.84
N ASN A 135 35.98 20.04 -24.93
CA ASN A 135 36.35 18.60 -25.13
C ASN A 135 35.10 17.72 -24.94
N ASN A 136 33.91 18.34 -24.94
CA ASN A 136 32.60 17.66 -25.02
C ASN A 136 32.32 16.80 -23.77
N ASP A 137 32.81 17.17 -22.58
CA ASP A 137 32.49 16.57 -21.26
C ASP A 137 32.94 15.11 -21.23
N PRO A 138 34.25 14.85 -21.15
CA PRO A 138 34.75 13.49 -21.07
C PRO A 138 34.41 12.80 -19.75
N GLN A 139 34.18 11.49 -19.82
CA GLN A 139 33.93 10.65 -18.63
C GLN A 139 35.19 10.64 -17.79
N TRP A 140 35.04 10.69 -16.47
CA TRP A 140 36.15 10.56 -15.50
C TRP A 140 35.88 9.35 -14.64
N SER A 141 36.91 8.71 -14.17
CA SER A 141 36.91 7.69 -13.11
C SER A 141 36.88 8.44 -11.78
N GLU A 142 36.54 7.74 -10.71
CA GLU A 142 36.65 8.29 -9.35
C GLU A 142 38.14 8.61 -9.12
N GLU A 143 39.04 7.82 -9.67
CA GLU A 143 40.50 7.98 -9.46
C GLU A 143 40.88 9.35 -10.04
N GLN A 144 40.36 9.69 -11.21
CA GLN A 144 40.69 10.98 -11.85
C GLN A 144 40.20 12.15 -10.98
N LEU A 145 38.99 12.03 -10.41
CA LEU A 145 38.37 13.14 -9.64
C LEU A 145 39.19 13.35 -8.38
N ILE A 146 39.58 12.27 -7.73
CA ILE A 146 40.39 12.34 -6.49
C ILE A 146 41.76 12.96 -6.82
N ALA A 147 42.37 12.61 -7.94
CA ALA A 147 43.71 13.09 -8.35
C ALA A 147 43.67 14.59 -8.67
N ALA A 148 42.50 15.11 -9.00
CA ALA A 148 42.38 16.52 -9.39
C ALA A 148 42.55 17.42 -8.17
N LYS A 149 42.39 16.88 -6.96
CA LYS A 149 42.58 17.63 -5.70
C LYS A 149 41.83 18.97 -5.75
N PHE A 150 40.59 18.93 -6.22
CA PHE A 150 39.70 20.12 -6.25
C PHE A 150 39.40 20.54 -4.83
N CYS A 151 39.34 21.86 -4.65
CA CYS A 151 39.05 22.54 -3.37
C CYS A 151 37.98 23.59 -3.67
N PHE A 152 36.82 23.53 -3.03
CA PHE A 152 35.69 24.47 -3.26
C PHE A 152 35.14 24.91 -1.90
N ALA A 153 35.10 26.24 -1.67
CA ALA A 153 34.72 26.85 -0.38
C ALA A 153 35.56 26.22 0.73
N GLY A 154 36.80 25.87 0.39
CA GLY A 154 37.76 25.33 1.37
C GLY A 154 37.61 23.84 1.61
N LEU A 155 36.63 23.17 1.02
CA LEU A 155 36.51 21.69 1.18
C LEU A 155 37.37 21.00 0.11
N LEU A 156 38.40 20.25 0.54
CA LEU A 156 39.19 19.42 -0.40
C LEU A 156 38.27 18.24 -0.80
N ILE A 157 38.08 17.99 -2.10
CA ILE A 157 37.24 16.87 -2.62
C ILE A 157 38.11 15.61 -2.74
N GLY A 158 38.12 14.80 -1.68
CA GLY A 158 38.86 13.52 -1.60
C GLY A 158 37.94 12.31 -1.72
N GLN A 159 38.47 11.17 -1.33
CA GLN A 159 37.76 9.86 -1.38
C GLN A 159 36.42 10.05 -0.69
N THR A 160 36.37 10.57 0.53
CA THR A 160 35.10 10.67 1.31
C THR A 160 34.02 11.45 0.53
N GLU A 161 34.42 12.57 -0.07
CA GLU A 161 33.50 13.53 -0.71
C GLU A 161 33.00 12.89 -1.99
N VAL A 162 33.89 12.20 -2.69
CA VAL A 162 33.54 11.52 -3.97
C VAL A 162 32.55 10.39 -3.67
N ASP A 163 32.82 9.61 -2.64
CA ASP A 163 31.95 8.52 -2.17
C ASP A 163 30.56 9.10 -1.80
N ILE A 164 30.50 10.29 -1.21
CA ILE A 164 29.21 10.91 -0.76
C ILE A 164 28.40 11.36 -1.97
N MET A 165 29.02 11.99 -2.94
CA MET A 165 28.31 12.46 -4.15
C MET A 165 27.84 11.25 -4.97
N SER A 166 28.66 10.20 -5.02
CA SER A 166 28.29 8.96 -5.71
C SER A 166 27.04 8.35 -5.07
N HIS A 167 27.07 8.13 -3.76
CA HIS A 167 25.93 7.55 -3.02
C HIS A 167 24.69 8.43 -3.15
N ALA A 168 24.84 9.74 -2.97
CA ALA A 168 23.72 10.69 -3.03
C ALA A 168 23.12 10.69 -4.42
N THR A 169 23.93 10.57 -5.46
CA THR A 169 23.44 10.56 -6.86
C THR A 169 22.43 9.40 -7.04
N GLN A 170 22.74 8.26 -6.47
CA GLN A 170 21.94 7.03 -6.59
C GLN A 170 20.63 7.23 -5.82
N ALA A 171 20.69 7.82 -4.62
CA ALA A 171 19.54 8.00 -3.72
C ALA A 171 18.57 9.00 -4.34
N ILE A 172 19.10 10.04 -4.93
CA ILE A 172 18.30 11.11 -5.57
C ILE A 172 17.60 10.51 -6.79
N PHE A 173 18.33 9.78 -7.60
CA PHE A 173 17.70 9.06 -8.74
C PHE A 173 16.54 8.18 -8.26
N GLU A 174 16.83 7.33 -7.27
CA GLU A 174 15.82 6.37 -6.73
C GLU A 174 14.54 7.10 -6.31
N ILE A 175 14.69 8.23 -5.62
CA ILE A 175 13.55 9.04 -5.09
C ILE A 175 12.76 9.67 -6.25
N LEU A 176 13.45 10.23 -7.23
CA LEU A 176 12.77 10.76 -8.42
C LEU A 176 12.09 9.62 -9.18
N GLU A 177 12.75 8.46 -9.25
CA GLU A 177 12.21 7.29 -10.00
C GLU A 177 10.90 6.86 -9.34
N LYS A 178 10.92 6.72 -8.02
CA LYS A 178 9.74 6.26 -7.25
C LYS A 178 8.63 7.30 -7.37
N SER A 179 8.98 8.57 -7.42
CA SER A 179 8.03 9.68 -7.38
C SER A 179 7.28 9.82 -8.72
N TRP A 180 7.91 9.45 -9.81
CA TRP A 180 7.32 9.53 -11.17
C TRP A 180 6.43 8.31 -11.42
N LEU A 181 6.63 7.22 -10.67
CA LEU A 181 5.96 5.92 -10.95
C LEU A 181 4.43 6.08 -10.92
N PRO A 182 3.83 6.77 -9.92
CA PRO A 182 2.39 6.89 -9.84
C PRO A 182 1.79 7.63 -11.05
N GLN A 183 2.60 8.33 -11.85
CA GLN A 183 2.18 8.97 -13.12
C GLN A 183 2.39 8.02 -14.31
N ASN A 184 2.72 6.75 -14.10
CA ASN A 184 3.02 5.80 -15.20
C ASN A 184 4.18 6.35 -16.05
N CYS A 185 5.17 7.00 -15.44
CA CYS A 185 6.37 7.49 -16.16
C CYS A 185 7.61 6.79 -15.62
N THR A 186 8.43 6.27 -16.54
CA THR A 186 9.70 5.59 -16.26
C THR A 186 10.79 6.65 -16.29
N LEU A 187 11.43 6.87 -15.15
CA LEU A 187 12.68 7.66 -15.12
C LEU A 187 13.82 6.73 -15.52
N VAL A 188 14.38 6.98 -16.68
CA VAL A 188 15.40 6.16 -17.37
C VAL A 188 16.80 6.50 -16.83
N ASP A 189 17.12 7.78 -16.72
CA ASP A 189 18.44 8.23 -16.25
C ASP A 189 18.33 9.72 -15.88
N MET A 190 19.39 10.29 -15.36
CA MET A 190 19.43 11.74 -15.09
C MET A 190 20.87 12.18 -14.89
N LYS A 191 21.05 13.49 -14.93
CA LYS A 191 22.31 14.18 -14.61
C LYS A 191 22.02 15.21 -13.52
N ILE A 192 22.89 15.32 -12.54
CA ILE A 192 22.79 16.36 -11.48
C ILE A 192 24.18 16.90 -11.25
N GLU A 193 24.25 18.02 -10.54
CA GLU A 193 25.53 18.64 -10.14
C GLU A 193 25.42 18.95 -8.66
N PHE A 194 26.53 18.86 -7.94
CA PHE A 194 26.62 19.21 -6.51
C PHE A 194 27.47 20.47 -6.36
N GLY A 195 27.26 21.17 -5.25
CA GLY A 195 28.08 22.32 -4.87
C GLY A 195 28.46 22.25 -3.43
N VAL A 196 29.44 23.05 -3.01
CA VAL A 196 29.76 23.27 -1.57
C VAL A 196 29.12 24.59 -1.16
N ASP A 197 28.15 24.50 -0.24
CA ASP A 197 27.44 25.64 0.38
C ASP A 197 28.51 26.49 1.07
N VAL A 198 28.66 27.77 0.69
CA VAL A 198 29.83 28.60 1.13
C VAL A 198 29.78 28.86 2.63
N THR A 199 28.58 28.78 3.22
CA THR A 199 28.34 29.05 4.66
C THR A 199 28.50 27.76 5.45
N THR A 200 27.75 26.71 5.12
CA THR A 200 27.81 25.44 5.91
C THR A 200 29.03 24.59 5.53
N LYS A 201 29.60 24.74 4.33
CA LYS A 201 30.69 23.83 3.82
C LYS A 201 30.19 22.40 3.53
N GLU A 202 28.90 22.19 3.46
CA GLU A 202 28.30 20.87 3.19
C GLU A 202 28.20 20.72 1.68
N ILE A 203 28.47 19.53 1.16
CA ILE A 203 28.13 19.21 -0.24
C ILE A 203 26.62 19.04 -0.29
N VAL A 204 25.99 19.68 -1.28
CA VAL A 204 24.52 19.70 -1.48
C VAL A 204 24.27 19.59 -2.97
N LEU A 205 23.17 18.93 -3.31
CA LEU A 205 22.55 18.99 -4.65
C LEU A 205 22.36 20.47 -5.00
N ALA A 206 22.69 20.86 -6.22
CA ALA A 206 22.66 22.26 -6.66
C ALA A 206 22.34 22.32 -8.15
N ASP A 207 22.74 23.41 -8.81
CA ASP A 207 22.30 23.72 -10.18
C ASP A 207 20.78 23.55 -10.18
N VAL A 208 20.23 22.89 -11.20
CA VAL A 208 18.77 22.67 -11.34
C VAL A 208 18.53 21.20 -11.71
N ILE A 209 17.31 20.77 -11.52
CA ILE A 209 16.77 19.52 -12.13
C ILE A 209 15.53 19.93 -12.91
N ASP A 210 15.57 19.77 -14.22
CA ASP A 210 14.43 20.13 -15.09
C ASP A 210 14.41 19.13 -16.24
N ASN A 211 13.68 19.45 -17.27
CA ASN A 211 13.37 18.51 -18.38
C ASN A 211 14.60 18.27 -19.25
N ASP A 212 15.69 19.03 -19.06
CA ASP A 212 17.04 18.83 -19.67
C ASP A 212 17.85 17.81 -18.86
N SER A 213 17.43 17.55 -17.63
CA SER A 213 18.21 16.81 -16.63
C SER A 213 17.99 15.28 -16.71
N TRP A 214 16.97 14.78 -17.42
CA TRP A 214 16.56 13.36 -17.29
C TRP A 214 15.98 12.84 -18.59
N ARG A 215 15.70 11.55 -18.64
CA ARG A 215 14.89 10.91 -19.68
C ARG A 215 13.66 10.33 -18.98
N LEU A 216 12.48 10.65 -19.48
CA LEU A 216 11.16 10.31 -18.93
C LEU A 216 10.38 9.65 -20.05
N TRP A 217 10.08 8.36 -19.90
CA TRP A 217 9.27 7.62 -20.89
C TRP A 217 7.90 7.32 -20.27
N PRO A 218 6.81 7.96 -20.71
CA PRO A 218 5.46 7.47 -20.36
C PRO A 218 5.33 5.99 -20.72
N SER A 219 4.83 5.19 -19.76
CA SER A 219 4.56 3.73 -19.93
C SER A 219 5.85 3.02 -20.35
N GLY A 220 7.00 3.58 -19.98
CA GLY A 220 8.31 3.02 -20.33
C GLY A 220 8.54 2.93 -21.84
N ASP A 221 7.83 3.74 -22.65
CA ASP A 221 7.92 3.73 -24.15
C ASP A 221 8.77 4.90 -24.64
N ARG A 222 9.93 4.59 -25.23
CA ARG A 222 10.95 5.58 -25.68
C ARG A 222 10.38 6.58 -26.69
N SER A 223 9.50 6.11 -27.58
CA SER A 223 8.86 6.87 -28.68
C SER A 223 7.91 7.94 -28.10
N GLN A 224 7.49 7.79 -26.82
CA GLN A 224 6.67 8.77 -26.05
C GLN A 224 7.54 9.70 -25.18
N GLN A 225 8.88 9.68 -25.35
CA GLN A 225 9.83 10.55 -24.59
C GLN A 225 9.29 11.98 -24.47
N LYS A 226 9.37 12.51 -23.25
CA LYS A 226 8.80 13.83 -22.94
C LYS A 226 9.92 14.81 -22.59
N ASP A 227 11.16 14.36 -22.59
CA ASP A 227 12.32 15.15 -22.08
C ASP A 227 13.00 15.85 -23.26
N LYS A 228 14.12 16.51 -23.00
CA LYS A 228 14.89 17.29 -24.00
C LYS A 228 15.43 16.36 -25.12
N GLN A 229 15.43 15.04 -24.96
CA GLN A 229 15.95 14.10 -26.00
C GLN A 229 15.13 14.34 -27.28
N SER A 230 13.84 14.68 -27.17
CA SER A 230 12.96 14.96 -28.34
C SER A 230 13.60 16.04 -29.22
N TYR A 231 14.23 17.07 -28.60
CA TYR A 231 15.00 18.18 -29.26
C TYR A 231 16.37 17.68 -29.75
N ARG A 232 17.16 16.96 -28.92
CA ARG A 232 18.48 16.39 -29.33
C ARG A 232 18.33 15.59 -30.63
N ASP A 233 17.22 14.89 -30.83
CA ASP A 233 17.03 13.83 -31.86
C ASP A 233 16.54 14.41 -33.18
N LEU A 234 16.05 15.66 -33.23
CA LEU A 234 15.57 16.29 -34.52
C LEU A 234 16.73 16.32 -35.54
N LYS A 235 16.54 15.71 -36.71
CA LYS A 235 17.47 15.83 -37.87
C LYS A 235 17.72 17.34 -38.12
N GLU A 236 16.62 18.12 -38.19
CA GLU A 236 16.64 19.55 -38.51
C GLU A 236 15.66 20.25 -37.57
N VAL A 237 16.07 21.36 -36.95
CA VAL A 237 15.16 22.18 -36.12
C VAL A 237 14.31 23.06 -37.06
N THR A 238 13.01 22.76 -37.15
CA THR A 238 11.98 23.57 -37.85
C THR A 238 11.14 24.19 -36.76
N PRO A 239 10.32 25.25 -37.02
CA PRO A 239 9.44 25.80 -35.97
C PRO A 239 8.27 24.84 -35.64
N GLU A 240 7.98 23.87 -36.52
CA GLU A 240 7.02 22.77 -36.25
C GLU A 240 7.66 21.77 -35.26
N GLY A 241 8.97 21.52 -35.40
CA GLY A 241 9.77 20.68 -34.49
C GLY A 241 9.85 21.29 -33.09
N LEU A 242 10.10 22.59 -33.02
CA LEU A 242 10.20 23.33 -31.73
C LEU A 242 8.85 23.32 -30.99
N GLN A 243 7.70 23.30 -31.70
CA GLN A 243 6.35 23.30 -31.07
C GLN A 243 6.12 21.94 -30.42
N MET A 244 6.46 20.82 -31.08
CA MET A 244 6.42 19.47 -30.46
C MET A 244 7.25 19.45 -29.16
N VAL A 245 8.49 19.92 -29.20
CA VAL A 245 9.44 19.95 -28.04
C VAL A 245 8.77 20.75 -26.93
N LYS A 246 8.13 21.86 -27.26
CA LYS A 246 7.46 22.75 -26.28
C LYS A 246 6.30 22.00 -25.62
N LYS A 247 5.49 21.26 -26.40
CA LYS A 247 4.35 20.44 -25.89
C LYS A 247 4.88 19.41 -24.88
N ASN A 248 5.99 18.71 -25.22
CA ASN A 248 6.67 17.73 -24.34
C ASN A 248 7.03 18.42 -23.01
N PHE A 249 7.63 19.61 -23.05
CA PHE A 249 8.07 20.33 -21.82
C PHE A 249 6.82 20.67 -21.00
N GLU A 250 5.74 21.04 -21.67
CA GLU A 250 4.47 21.49 -21.04
C GLU A 250 3.83 20.27 -20.37
N TRP A 251 3.92 19.10 -21.02
CA TRP A 251 3.34 17.84 -20.54
C TRP A 251 4.01 17.52 -19.19
N VAL A 252 5.33 17.63 -19.13
CA VAL A 252 6.05 17.36 -17.87
C VAL A 252 5.62 18.39 -16.82
N ALA A 253 5.61 19.67 -17.21
CA ALA A 253 5.30 20.81 -16.31
C ALA A 253 3.88 20.70 -15.73
N GLU A 254 2.95 20.11 -16.47
CA GLU A 254 1.51 19.99 -16.07
C GLU A 254 1.36 18.88 -15.03
N ARG A 255 2.32 17.97 -14.95
CA ARG A 255 2.25 16.78 -14.08
C ARG A 255 3.23 16.87 -12.91
N VAL A 256 4.23 17.74 -12.93
CA VAL A 256 5.35 17.62 -11.96
C VAL A 256 4.82 17.92 -10.56
N GLU A 257 3.92 18.88 -10.37
CA GLU A 257 3.37 19.24 -9.03
C GLU A 257 2.71 18.03 -8.36
N LEU A 258 2.24 17.04 -9.12
CA LEU A 258 1.58 15.83 -8.57
C LEU A 258 2.58 14.92 -7.83
N LEU A 259 3.88 15.05 -8.05
CA LEU A 259 4.91 14.31 -7.29
C LEU A 259 4.88 14.77 -5.82
N LEU A 260 4.38 15.97 -5.54
CA LEU A 260 4.30 16.47 -4.13
C LEU A 260 3.04 15.96 -3.41
N LYS A 261 2.12 15.35 -4.12
CA LYS A 261 0.83 14.83 -3.63
C LYS A 261 1.00 13.40 -3.09
N SER A 262 0.47 13.17 -1.90
CA SER A 262 0.26 11.85 -1.29
C SER A 262 -0.82 11.06 -2.06
N GLU A 263 -0.50 9.88 -2.55
CA GLU A 263 -1.45 8.96 -3.27
C GLU A 263 -2.21 8.02 -2.30
N SER A 264 -1.98 8.08 -0.99
CA SER A 264 -2.51 7.12 0.01
C SER A 264 -2.46 7.76 1.41
N GLN A 265 -3.50 7.58 2.22
CA GLN A 265 -3.53 8.03 3.61
C GLN A 265 -2.83 6.97 4.48
N CYS A 266 -2.15 7.42 5.53
CA CYS A 266 -1.34 6.58 6.45
C CYS A 266 -1.69 6.99 7.89
N ARG A 267 -1.74 6.05 8.80
CA ARG A 267 -2.03 6.34 10.21
C ARG A 267 -1.43 5.24 11.06
N VAL A 268 -0.81 5.64 12.15
CA VAL A 268 -0.40 4.70 13.22
C VAL A 268 -1.31 4.94 14.41
N VAL A 269 -1.78 3.88 15.06
CA VAL A 269 -2.53 4.02 16.32
C VAL A 269 -1.72 3.27 17.37
N VAL A 270 -1.23 4.00 18.37
CA VAL A 270 -0.51 3.40 19.50
C VAL A 270 -1.51 3.14 20.62
N LEU A 271 -1.70 1.87 20.99
CA LEU A 271 -2.62 1.44 22.05
C LEU A 271 -1.77 1.11 23.28
N MET A 272 -2.01 1.77 24.41
CA MET A 272 -1.24 1.56 25.66
C MET A 272 -2.16 1.03 26.74
N GLY A 273 -1.73 -0.02 27.45
CA GLY A 273 -2.52 -0.63 28.54
C GLY A 273 -2.60 0.22 29.80
N SER A 274 -1.76 1.25 29.92
CA SER A 274 -1.60 2.10 31.13
C SER A 274 -0.98 3.45 30.76
N THR A 275 -1.41 4.52 31.43
CA THR A 275 -0.83 5.89 31.23
C THR A 275 0.60 5.97 31.75
N SER A 276 1.07 5.04 32.59
CA SER A 276 2.49 4.98 33.02
C SER A 276 3.44 4.69 31.84
N ASP A 277 2.93 4.18 30.71
CA ASP A 277 3.75 3.90 29.51
C ASP A 277 3.68 5.08 28.54
N LEU A 278 3.09 6.20 28.94
CA LEU A 278 2.82 7.31 28.00
C LEU A 278 4.12 7.86 27.35
N GLY A 279 5.21 7.96 28.11
CA GLY A 279 6.47 8.54 27.65
C GLY A 279 7.03 7.72 26.52
N HIS A 280 6.97 6.40 26.66
CA HIS A 280 7.36 5.42 25.62
C HIS A 280 6.49 5.67 24.39
N CYS A 281 5.20 5.86 24.56
CA CYS A 281 4.25 6.12 23.45
C CYS A 281 4.54 7.49 22.79
N GLU A 282 4.92 8.52 23.52
CA GLU A 282 5.27 9.87 22.95
C GLU A 282 6.45 9.74 21.99
N LYS A 283 7.43 8.89 22.32
CA LYS A 283 8.63 8.62 21.48
C LYS A 283 8.21 8.04 20.11
N ILE A 284 7.26 7.12 20.10
CA ILE A 284 6.75 6.49 18.87
C ILE A 284 6.07 7.58 18.05
N LYS A 285 5.17 8.33 18.67
CA LYS A 285 4.41 9.41 18.00
C LYS A 285 5.36 10.45 17.39
N LYS A 286 6.38 10.86 18.12
CA LYS A 286 7.30 11.91 17.62
C LYS A 286 7.98 11.34 16.38
N ALA A 287 8.41 10.08 16.47
CA ALA A 287 9.16 9.38 15.42
C ALA A 287 8.29 9.21 14.17
N CYS A 288 6.99 9.01 14.35
CA CYS A 288 6.01 8.94 13.23
C CYS A 288 5.97 10.29 12.51
N GLY A 289 5.98 11.40 13.26
CA GLY A 289 6.03 12.76 12.71
C GLY A 289 7.21 12.93 11.77
N ASN A 290 8.38 12.38 12.11
CA ASN A 290 9.57 12.49 11.23
C ASN A 290 9.30 11.87 9.85
N PHE A 291 8.36 10.92 9.73
CA PHE A 291 8.04 10.24 8.45
C PHE A 291 6.76 10.83 7.81
N GLY A 292 6.18 11.87 8.41
CA GLY A 292 4.96 12.57 7.99
C GLY A 292 3.72 11.71 8.16
N ILE A 293 3.73 10.78 9.12
CA ILE A 293 2.59 9.85 9.37
C ILE A 293 1.87 10.29 10.65
N PRO A 294 0.59 10.72 10.53
CA PRO A 294 -0.22 11.00 11.71
C PRO A 294 -0.26 9.77 12.63
N CYS A 295 -0.25 10.03 13.93
CA CYS A 295 -0.13 9.01 14.98
C CYS A 295 -1.02 9.38 16.16
N GLU A 296 -1.91 8.49 16.54
CA GLU A 296 -2.90 8.67 17.61
C GLU A 296 -2.50 7.78 18.78
N LEU A 297 -2.63 8.30 20.00
CA LEU A 297 -2.48 7.52 21.26
C LEU A 297 -3.86 7.22 21.85
N ARG A 298 -4.06 5.99 22.32
CA ARG A 298 -5.28 5.56 23.02
C ARG A 298 -4.86 4.70 24.23
N VAL A 299 -5.77 4.64 25.20
CA VAL A 299 -5.56 3.87 26.43
C VAL A 299 -6.64 2.80 26.42
N THR A 300 -6.21 1.55 26.46
CA THR A 300 -7.12 0.39 26.56
C THR A 300 -6.33 -0.79 27.13
N SER A 301 -6.96 -1.64 27.93
CA SER A 301 -6.35 -2.85 28.51
C SER A 301 -7.07 -4.06 27.95
N ALA A 302 -6.34 -5.01 27.39
CA ALA A 302 -6.93 -6.29 26.92
C ALA A 302 -7.47 -7.04 28.12
N HIS A 303 -6.79 -6.95 29.26
CA HIS A 303 -7.14 -7.74 30.47
C HIS A 303 -8.25 -7.10 31.31
N LYS A 304 -8.35 -5.78 31.36
CA LYS A 304 -9.33 -5.12 32.26
C LYS A 304 -10.51 -4.57 31.46
N GLY A 305 -10.41 -4.51 30.12
CA GLY A 305 -11.42 -3.87 29.27
C GLY A 305 -11.39 -4.37 27.83
N PRO A 306 -11.52 -5.70 27.62
CA PRO A 306 -11.31 -6.30 26.31
C PRO A 306 -12.44 -5.93 25.33
N ASP A 307 -13.61 -5.71 25.86
CA ASP A 307 -14.79 -5.20 25.13
C ASP A 307 -14.39 -3.86 24.50
N GLU A 308 -13.72 -3.01 25.26
CA GLU A 308 -13.36 -1.65 24.84
C GLU A 308 -12.19 -1.71 23.85
N THR A 309 -11.27 -2.63 24.03
CA THR A 309 -10.16 -2.83 23.10
C THR A 309 -10.75 -3.08 21.72
N LEU A 310 -11.70 -4.00 21.64
CA LEU A 310 -12.30 -4.37 20.33
C LEU A 310 -13.13 -3.21 19.75
N ARG A 311 -13.82 -2.43 20.58
CA ARG A 311 -14.63 -1.28 20.11
C ARG A 311 -13.66 -0.23 19.50
N ILE A 312 -12.53 0.02 20.15
CA ILE A 312 -11.57 1.07 19.68
C ILE A 312 -10.96 0.61 18.35
N LYS A 313 -10.50 -0.63 18.33
CA LYS A 313 -9.99 -1.29 17.12
C LYS A 313 -11.00 -1.01 16.01
N ALA A 314 -12.29 -1.25 16.26
CA ALA A 314 -13.31 -1.18 15.19
C ALA A 314 -13.44 0.26 14.68
N GLU A 315 -13.27 1.28 15.53
CA GLU A 315 -13.39 2.69 15.10
C GLU A 315 -12.32 2.98 14.04
N TYR A 316 -11.12 2.42 14.18
CA TYR A 316 -10.00 2.66 13.25
C TYR A 316 -10.09 1.73 12.03
N GLU A 317 -10.67 0.55 12.19
CA GLU A 317 -10.87 -0.41 11.07
C GLU A 317 -11.91 0.14 10.09
N GLY A 318 -12.83 0.99 10.57
CA GLY A 318 -14.14 1.25 9.94
C GLY A 318 -14.20 2.54 9.13
N ASP A 319 -13.19 3.41 9.21
CA ASP A 319 -13.26 4.77 8.58
C ASP A 319 -12.45 4.82 7.27
N GLY A 320 -11.91 3.69 6.79
CA GLY A 320 -11.27 3.60 5.46
C GLY A 320 -9.80 3.99 5.46
N ILE A 321 -9.26 4.46 6.57
CA ILE A 321 -7.85 4.95 6.54
C ILE A 321 -6.92 3.78 6.86
N PRO A 322 -6.02 3.41 5.94
CA PRO A 322 -5.03 2.38 6.20
C PRO A 322 -4.30 2.67 7.52
N THR A 323 -4.21 1.65 8.38
CA THR A 323 -3.73 1.77 9.77
C THR A 323 -2.76 0.66 10.16
N VAL A 324 -1.70 1.04 10.85
CA VAL A 324 -0.81 0.14 11.59
C VAL A 324 -1.06 0.35 13.09
N PHE A 325 -1.33 -0.70 13.84
CA PHE A 325 -1.47 -0.63 15.30
C PHE A 325 -0.11 -0.92 15.95
N VAL A 326 0.26 -0.12 16.94
CA VAL A 326 1.42 -0.43 17.82
C VAL A 326 0.87 -0.73 19.22
N ALA A 327 1.04 -1.95 19.71
CA ALA A 327 0.60 -2.36 21.07
C ALA A 327 1.76 -2.17 22.04
N VAL A 328 1.57 -1.30 23.00
CA VAL A 328 2.54 -1.01 24.09
C VAL A 328 1.93 -1.54 25.38
N ALA A 329 2.36 -2.70 25.83
CA ALA A 329 1.93 -3.29 27.12
C ALA A 329 3.17 -3.89 27.76
N GLY A 330 3.48 -3.45 28.97
CA GLY A 330 4.52 -4.03 29.83
C GLY A 330 4.07 -5.36 30.43
N ARG A 331 4.99 -6.03 31.12
CA ARG A 331 4.70 -7.31 31.81
C ARG A 331 4.20 -8.30 30.74
N SER A 332 3.13 -9.06 31.03
CA SER A 332 2.52 -10.05 30.11
C SER A 332 1.65 -9.29 29.09
N ASN A 333 2.22 -9.05 27.92
CA ASN A 333 1.58 -8.27 26.85
C ASN A 333 0.46 -9.16 26.27
N GLY A 334 -0.81 -8.91 26.65
CA GLY A 334 -2.01 -9.54 26.04
C GLY A 334 -2.62 -8.64 24.97
N LEU A 335 -2.21 -7.38 24.95
CA LEU A 335 -2.80 -6.33 24.10
C LEU A 335 -2.43 -6.60 22.65
N GLY A 336 -1.15 -6.89 22.36
CA GLY A 336 -0.71 -7.15 20.97
C GLY A 336 -1.39 -8.40 20.40
N PRO A 337 -1.28 -9.52 21.12
CA PRO A 337 -2.00 -10.74 20.77
C PRO A 337 -3.51 -10.62 20.51
N VAL A 338 -4.29 -10.12 21.46
CA VAL A 338 -5.74 -9.89 21.24
C VAL A 338 -5.94 -8.97 20.01
N MET A 339 -5.15 -7.90 19.84
CA MET A 339 -5.34 -7.00 18.67
C MET A 339 -4.99 -7.79 17.40
N SER A 340 -3.87 -8.48 17.42
CA SER A 340 -3.35 -9.21 16.25
C SER A 340 -4.39 -10.24 15.76
N GLY A 341 -5.07 -10.87 16.70
CA GLY A 341 -6.03 -11.92 16.41
C GLY A 341 -7.31 -11.36 15.87
N ASN A 342 -7.59 -10.08 16.04
CA ASN A 342 -8.95 -9.56 15.72
C ASN A 342 -8.94 -8.46 14.66
N THR A 343 -7.81 -8.20 13.98
CA THR A 343 -7.71 -7.25 12.85
C THR A 343 -6.88 -7.88 11.74
N ALA A 344 -7.26 -7.57 10.51
CA ALA A 344 -6.51 -7.88 9.27
C ALA A 344 -5.37 -6.89 9.06
N TYR A 345 -5.40 -5.75 9.75
CA TYR A 345 -4.31 -4.73 9.66
C TYR A 345 -3.09 -5.24 10.43
N PRO A 346 -1.89 -4.77 10.08
CA PRO A 346 -0.71 -5.18 10.84
C PRO A 346 -0.76 -4.67 12.30
N VAL A 347 -0.21 -5.49 13.21
CA VAL A 347 0.02 -5.10 14.63
C VAL A 347 1.48 -5.35 14.97
N ILE A 348 2.09 -4.36 15.60
CA ILE A 348 3.49 -4.39 16.10
C ILE A 348 3.41 -4.25 17.61
N SER A 349 3.98 -5.22 18.32
CA SER A 349 4.21 -5.06 19.78
C SER A 349 5.51 -4.30 19.94
N CYS A 350 5.46 -3.20 20.67
CA CYS A 350 6.64 -2.46 21.11
C CYS A 350 6.56 -2.37 22.63
N PRO A 351 6.92 -3.44 23.38
CA PRO A 351 6.80 -3.44 24.83
C PRO A 351 7.85 -2.52 25.42
N PRO A 352 7.48 -1.73 26.46
CA PRO A 352 8.42 -0.85 27.17
C PRO A 352 9.28 -1.69 28.13
N LEU A 353 10.18 -2.52 27.57
CA LEU A 353 11.11 -3.39 28.31
C LEU A 353 12.09 -2.50 29.07
N THR A 354 12.49 -2.96 30.25
CA THR A 354 13.60 -2.39 31.07
C THR A 354 14.49 -3.56 31.49
N PRO A 355 15.77 -3.34 31.85
CA PRO A 355 16.64 -4.48 32.27
C PRO A 355 16.20 -5.25 33.54
N ASP A 356 15.22 -4.76 34.30
CA ASP A 356 14.74 -5.45 35.53
C ASP A 356 14.15 -6.82 35.15
N TRP A 357 13.16 -6.83 34.25
CA TRP A 357 12.29 -8.00 33.93
C TRP A 357 12.11 -8.17 32.40
N GLY A 358 12.76 -7.33 31.60
CA GLY A 358 12.68 -7.32 30.11
C GLY A 358 12.97 -8.68 29.47
N VAL A 359 14.03 -9.37 29.93
CA VAL A 359 14.41 -10.75 29.46
C VAL A 359 13.23 -11.73 29.64
N GLN A 360 12.38 -11.54 30.65
CA GLN A 360 11.21 -12.42 30.96
C GLN A 360 9.98 -11.92 30.18
N ASP A 361 9.78 -10.59 30.17
CA ASP A 361 8.54 -9.97 29.64
C ASP A 361 8.39 -10.13 28.11
N VAL A 362 9.50 -10.11 27.35
CA VAL A 362 9.55 -10.07 25.85
C VAL A 362 8.92 -11.34 25.26
N TRP A 363 9.07 -12.50 25.92
CA TRP A 363 8.58 -13.80 25.39
C TRP A 363 7.03 -13.80 25.25
N SER A 364 6.31 -12.97 26.02
CA SER A 364 4.83 -12.76 25.92
C SER A 364 4.44 -12.10 24.57
N SER A 365 5.35 -11.33 23.95
CA SER A 365 5.18 -10.71 22.60
C SER A 365 5.56 -11.71 21.48
N LEU A 366 6.49 -12.65 21.74
CA LEU A 366 7.24 -13.43 20.71
C LEU A 366 6.63 -14.80 20.41
N ARG A 367 6.28 -15.56 21.45
CA ARG A 367 5.76 -16.95 21.31
C ARG A 367 4.23 -16.89 21.38
N LEU A 368 3.58 -16.80 20.22
CA LEU A 368 2.11 -16.62 20.09
C LEU A 368 1.48 -17.90 19.52
N PRO A 369 0.22 -18.22 19.89
CA PRO A 369 -0.58 -19.23 19.18
C PRO A 369 -0.56 -19.03 17.65
N SER A 370 -0.78 -20.12 16.90
CA SER A 370 -0.95 -20.11 15.42
C SER A 370 -2.09 -19.15 15.03
N GLY A 371 -2.05 -18.62 13.79
CA GLY A 371 -3.04 -17.66 13.26
C GLY A 371 -2.80 -16.21 13.70
N LEU A 372 -1.68 -15.94 14.39
CA LEU A 372 -1.29 -14.57 14.84
C LEU A 372 -0.04 -14.13 14.07
N GLY A 373 -0.20 -13.07 13.27
CA GLY A 373 0.85 -12.38 12.50
C GLY A 373 1.69 -11.43 13.33
N CYS A 374 1.26 -11.08 14.56
CA CYS A 374 1.89 -10.04 15.45
C CYS A 374 3.43 -10.09 15.43
N SER A 375 4.08 -8.98 15.02
CA SER A 375 5.55 -8.76 15.04
C SER A 375 5.99 -8.08 16.34
N THR A 376 7.28 -8.12 16.58
CA THR A 376 7.89 -7.42 17.73
C THR A 376 9.05 -6.55 17.24
N VAL A 377 9.00 -5.28 17.63
CA VAL A 377 10.09 -4.28 17.47
C VAL A 377 10.29 -3.62 18.84
N LEU A 378 11.48 -3.80 19.43
CA LEU A 378 11.77 -3.28 20.80
C LEU A 378 12.00 -1.77 20.72
N SER A 379 12.71 -1.25 19.74
CA SER A 379 12.98 0.20 19.72
C SER A 379 11.66 0.95 19.49
N PRO A 380 11.31 1.96 20.31
CA PRO A 380 10.14 2.78 20.01
C PRO A 380 10.28 3.61 18.72
N GLU A 381 11.42 4.25 18.47
CA GLU A 381 11.75 4.91 17.18
C GLU A 381 11.74 3.85 16.06
N GLY A 382 12.31 2.68 16.33
CA GLY A 382 12.22 1.53 15.41
C GLY A 382 10.79 1.14 15.05
N SER A 383 9.84 1.22 15.96
CA SER A 383 8.48 0.71 15.69
C SER A 383 7.84 1.68 14.69
N ALA A 384 8.10 2.97 14.85
CA ALA A 384 7.65 4.00 13.90
C ALA A 384 8.32 3.78 12.54
N GLN A 385 9.62 3.54 12.56
CA GLN A 385 10.36 3.28 11.29
C GLN A 385 9.77 2.01 10.61
N PHE A 386 9.49 0.96 11.39
CA PHE A 386 8.92 -0.23 10.76
C PHE A 386 7.56 0.18 10.17
N ALA A 387 6.79 0.98 10.89
CA ALA A 387 5.44 1.34 10.42
C ALA A 387 5.61 2.18 9.15
N ALA A 388 6.61 3.04 9.09
CA ALA A 388 6.91 3.84 7.89
C ALA A 388 7.25 2.90 6.73
N GLN A 389 8.04 1.87 6.98
CA GLN A 389 8.48 0.95 5.89
C GLN A 389 7.22 0.29 5.30
N ILE A 390 6.26 -0.07 6.15
CA ILE A 390 4.99 -0.67 5.67
C ILE A 390 4.25 0.35 4.78
N PHE A 391 4.11 1.60 5.24
CA PHE A 391 3.38 2.62 4.46
C PHE A 391 4.17 3.00 3.20
N GLY A 392 5.49 2.86 3.23
CA GLY A 392 6.36 3.22 2.09
C GLY A 392 6.11 2.31 0.89
N LEU A 393 5.50 1.14 1.10
CA LEU A 393 5.16 0.27 -0.05
C LEU A 393 4.08 0.88 -0.92
N SER A 394 3.31 1.83 -0.41
CA SER A 394 2.10 2.37 -1.09
C SER A 394 2.10 3.90 -1.07
N ASN A 395 3.14 4.52 -0.50
CA ASN A 395 3.25 6.00 -0.37
C ASN A 395 4.69 6.43 -0.66
N HIS A 396 4.88 7.09 -1.79
CA HIS A 396 6.22 7.50 -2.30
C HIS A 396 6.85 8.56 -1.39
N LEU A 397 6.04 9.35 -0.67
CA LEU A 397 6.60 10.42 0.18
C LEU A 397 7.26 9.77 1.41
N VAL A 398 6.61 8.77 2.01
CA VAL A 398 7.18 8.03 3.16
C VAL A 398 8.42 7.28 2.68
N TRP A 399 8.29 6.57 1.55
CA TRP A 399 9.41 5.78 1.01
C TRP A 399 10.61 6.71 0.91
N SER A 400 10.40 7.91 0.34
CA SER A 400 11.49 8.86 0.01
C SER A 400 12.20 9.32 1.29
N LYS A 401 11.44 9.56 2.37
CA LYS A 401 12.07 9.93 3.66
C LYS A 401 12.89 8.76 4.17
N LEU A 402 12.42 7.51 4.01
CA LEU A 402 13.20 6.32 4.49
C LEU A 402 14.50 6.22 3.65
N ARG A 403 14.40 6.43 2.33
CA ARG A 403 15.55 6.30 1.41
C ARG A 403 16.60 7.36 1.72
N ALA A 404 16.18 8.63 1.84
CA ALA A 404 17.08 9.75 2.17
C ALA A 404 17.73 9.47 3.53
N SER A 405 16.96 8.93 4.48
CA SER A 405 17.46 8.64 5.84
C SER A 405 18.57 7.59 5.78
N ILE A 406 18.44 6.58 4.91
CA ILE A 406 19.57 5.62 4.71
C ILE A 406 20.79 6.41 4.26
N LEU A 407 20.61 7.35 3.33
CA LEU A 407 21.76 8.07 2.77
C LEU A 407 22.39 8.89 3.89
N ASN A 408 21.57 9.65 4.62
CA ASN A 408 22.07 10.66 5.58
C ASN A 408 22.82 9.93 6.69
N THR A 409 22.30 8.80 7.15
CA THR A 409 22.93 8.02 8.24
C THR A 409 24.28 7.54 7.76
N TRP A 410 24.34 7.13 6.50
CA TRP A 410 25.59 6.60 5.92
C TRP A 410 26.58 7.75 5.83
N ILE A 411 26.11 8.92 5.41
CA ILE A 411 27.01 10.12 5.34
C ILE A 411 27.53 10.44 6.75
N SER A 412 26.69 10.34 7.77
CA SER A 412 27.11 10.63 9.18
C SER A 412 28.25 9.69 9.59
N LEU A 413 28.17 8.43 9.18
CA LEU A 413 29.22 7.45 9.52
C LEU A 413 30.51 7.88 8.83
N LYS A 414 30.43 8.19 7.53
CA LYS A 414 31.60 8.66 6.75
C LYS A 414 32.21 9.84 7.48
N GLN A 415 31.39 10.76 7.98
CA GLN A 415 31.90 12.03 8.57
C GLN A 415 32.54 11.66 9.92
N ALA A 416 31.90 10.83 10.72
CA ALA A 416 32.45 10.40 12.03
C ALA A 416 33.76 9.62 11.83
N ASP A 417 33.84 8.74 10.82
CA ASP A 417 35.10 7.99 10.55
C ASP A 417 36.18 9.00 10.11
N LYS A 418 35.84 10.00 9.29
CA LYS A 418 36.82 11.02 8.86
C LYS A 418 37.37 11.75 10.10
N LYS A 419 36.52 12.09 11.06
CA LYS A 419 36.96 12.80 12.27
C LYS A 419 37.93 11.88 13.02
N ILE A 420 37.50 10.67 13.41
CA ILE A 420 38.29 9.76 14.30
C ILE A 420 39.61 9.34 13.65
N ARG A 421 39.64 9.21 12.33
CA ARG A 421 40.83 8.91 11.50
C ARG A 421 41.97 9.91 11.79
N GLU A 422 41.67 11.13 12.23
CA GLU A 422 42.69 12.17 12.58
C GLU A 422 43.48 11.75 13.83
N CYS A 423 42.87 11.08 14.81
CA CYS A 423 43.55 10.68 16.07
C CYS A 423 44.60 9.57 15.80
N ASN A 424 44.63 9.06 14.56
CA ASN A 424 45.51 7.93 14.14
C ASN A 424 46.78 8.46 13.45
N LEU A 425 46.92 9.79 13.34
CA LEU A 425 48.08 10.52 12.74
C LEU A 425 48.86 11.21 13.88
N LEU B 7 -26.55 -29.63 -20.60
CA LEU B 7 -26.99 -29.57 -19.16
C LEU B 7 -28.42 -30.10 -19.05
N ASN B 8 -28.65 -31.03 -18.12
CA ASN B 8 -29.88 -31.86 -17.98
C ASN B 8 -30.77 -31.30 -16.85
N ILE B 9 -31.74 -30.44 -17.18
CA ILE B 9 -32.62 -29.75 -16.19
C ILE B 9 -33.70 -30.74 -15.71
N GLY B 10 -34.11 -30.63 -14.44
CA GLY B 10 -35.17 -31.41 -13.77
C GLY B 10 -36.30 -30.51 -13.38
N LYS B 11 -37.02 -30.82 -12.29
CA LYS B 11 -38.25 -30.09 -11.90
C LYS B 11 -37.87 -28.81 -11.14
N LYS B 12 -38.72 -27.77 -11.19
CA LYS B 12 -38.62 -26.51 -10.42
C LYS B 12 -38.84 -26.79 -8.92
N LEU B 13 -37.99 -26.25 -8.04
CA LEU B 13 -37.98 -26.53 -6.57
C LEU B 13 -38.54 -25.33 -5.81
N TYR B 14 -37.97 -24.15 -6.02
CA TYR B 14 -38.49 -22.86 -5.48
C TYR B 14 -38.84 -21.96 -6.67
N GLU B 15 -39.81 -21.06 -6.50
CA GLU B 15 -40.22 -20.07 -7.51
C GLU B 15 -40.51 -18.74 -6.83
N GLY B 16 -39.68 -17.72 -7.07
CA GLY B 16 -39.77 -16.37 -6.49
C GLY B 16 -40.16 -15.35 -7.55
N LYS B 17 -40.16 -14.07 -7.20
CA LYS B 17 -40.60 -13.00 -8.12
C LYS B 17 -39.42 -12.58 -9.03
N THR B 18 -38.17 -12.95 -8.72
CA THR B 18 -36.95 -12.56 -9.50
C THR B 18 -36.07 -13.77 -9.88
N LYS B 19 -36.33 -14.98 -9.37
CA LYS B 19 -35.50 -16.16 -9.70
C LYS B 19 -36.31 -17.46 -9.52
N GLU B 20 -35.81 -18.55 -10.09
CA GLU B 20 -36.37 -19.92 -10.00
C GLU B 20 -35.19 -20.86 -9.74
N VAL B 21 -35.40 -21.93 -9.00
CA VAL B 21 -34.34 -22.93 -8.70
C VAL B 21 -34.85 -24.26 -9.27
N TYR B 22 -34.02 -24.94 -10.04
CA TYR B 22 -34.34 -26.28 -10.60
C TYR B 22 -33.34 -27.30 -10.06
N GLU B 23 -33.75 -28.57 -9.99
CA GLU B 23 -32.82 -29.69 -9.73
C GLU B 23 -32.05 -29.95 -11.03
N LEU B 24 -30.91 -30.62 -10.89
CA LEU B 24 -30.04 -31.04 -12.00
C LEU B 24 -29.84 -32.56 -11.82
N LEU B 25 -30.50 -33.36 -12.65
CA LEU B 25 -30.57 -34.85 -12.55
C LEU B 25 -29.17 -35.43 -12.76
N ASP B 26 -28.36 -34.79 -13.60
CA ASP B 26 -26.92 -35.06 -13.89
C ASP B 26 -26.03 -34.85 -12.65
N SER B 27 -26.30 -33.85 -11.81
CA SER B 27 -25.38 -33.38 -10.72
C SER B 27 -26.03 -33.53 -9.36
N PRO B 28 -25.74 -34.59 -8.57
CA PRO B 28 -26.47 -34.78 -7.32
C PRO B 28 -26.06 -33.64 -6.35
N GLY B 29 -27.03 -33.06 -5.64
CA GLY B 29 -26.79 -32.06 -4.57
C GLY B 29 -26.34 -30.70 -5.09
N LYS B 30 -26.52 -30.43 -6.38
CA LYS B 30 -26.28 -29.13 -7.03
C LYS B 30 -27.60 -28.68 -7.68
N VAL B 31 -27.84 -27.38 -7.76
CA VAL B 31 -29.06 -26.81 -8.36
C VAL B 31 -28.65 -25.65 -9.25
N LEU B 32 -29.58 -25.25 -10.10
CA LEU B 32 -29.46 -24.12 -11.05
C LEU B 32 -30.40 -23.01 -10.57
N LEU B 33 -29.84 -21.83 -10.27
CA LEU B 33 -30.60 -20.59 -9.96
C LEU B 33 -30.70 -19.74 -11.22
N GLN B 34 -31.91 -19.65 -11.76
CA GLN B 34 -32.24 -18.91 -13.00
C GLN B 34 -32.84 -17.57 -12.56
N SER B 35 -32.18 -16.47 -12.86
CA SER B 35 -32.72 -15.10 -12.67
C SER B 35 -33.76 -14.82 -13.76
N LYS B 36 -34.69 -13.90 -13.47
CA LYS B 36 -35.82 -13.49 -14.34
C LYS B 36 -35.75 -11.97 -14.56
N ASP B 37 -36.38 -11.49 -15.64
CA ASP B 37 -36.29 -10.09 -16.14
C ASP B 37 -37.37 -9.26 -15.44
N GLN B 38 -37.34 -9.24 -14.12
CA GLN B 38 -38.39 -8.61 -13.28
C GLN B 38 -37.73 -7.77 -12.18
N ILE B 39 -38.27 -6.59 -11.87
CA ILE B 39 -37.85 -5.81 -10.67
C ILE B 39 -39.10 -5.56 -9.81
N THR B 40 -38.96 -5.63 -8.48
CA THR B 40 -40.09 -5.67 -7.49
C THR B 40 -39.77 -4.79 -6.28
N ALA B 41 -40.79 -4.30 -5.56
CA ALA B 41 -40.64 -3.40 -4.39
C ALA B 41 -41.91 -3.41 -3.51
N GLY B 42 -41.83 -3.94 -2.28
CA GLY B 42 -42.95 -3.93 -1.31
C GLY B 42 -43.81 -5.19 -1.38
N ASN B 43 -43.16 -6.36 -1.33
CA ASN B 43 -43.75 -7.73 -1.31
C ASN B 43 -44.61 -7.94 -2.58
N ALA B 44 -44.01 -7.66 -3.75
CA ALA B 44 -44.63 -7.71 -5.09
C ALA B 44 -45.94 -6.89 -5.15
N ALA B 45 -46.02 -5.71 -4.52
CA ALA B 45 -47.13 -4.71 -4.71
C ALA B 45 -46.79 -3.73 -5.86
N ARG B 46 -45.50 -3.46 -6.06
CA ARG B 46 -44.87 -2.82 -7.25
C ARG B 46 -44.06 -3.89 -8.03
N LYS B 47 -44.20 -3.97 -9.37
CA LYS B 47 -43.46 -4.91 -10.24
C LYS B 47 -43.30 -4.27 -11.63
N ASN B 48 -42.43 -4.83 -12.47
CA ASN B 48 -42.07 -4.29 -13.81
C ASN B 48 -41.20 -5.30 -14.54
N HIS B 49 -41.50 -5.54 -15.82
CA HIS B 49 -40.57 -6.23 -16.74
C HIS B 49 -39.41 -5.26 -16.97
N LEU B 50 -38.18 -5.75 -16.90
CA LEU B 50 -36.98 -4.94 -17.24
C LEU B 50 -36.03 -5.84 -18.04
N GLU B 51 -35.87 -5.58 -19.34
CA GLU B 51 -35.02 -6.43 -20.20
C GLU B 51 -33.55 -6.30 -19.73
N GLY B 52 -32.86 -7.43 -19.55
CA GLY B 52 -31.43 -7.45 -19.20
C GLY B 52 -31.17 -7.54 -17.70
N LYS B 53 -32.22 -7.41 -16.87
CA LYS B 53 -32.11 -7.38 -15.39
C LYS B 53 -31.67 -8.77 -14.92
N ALA B 54 -32.17 -9.84 -15.53
CA ALA B 54 -31.77 -11.23 -15.22
C ALA B 54 -30.26 -11.36 -15.35
N ALA B 55 -29.66 -10.78 -16.40
CA ALA B 55 -28.23 -10.99 -16.76
C ALA B 55 -27.38 -10.10 -15.85
N ILE B 56 -27.86 -8.90 -15.58
CA ILE B 56 -27.24 -7.96 -14.61
C ILE B 56 -27.20 -8.57 -13.20
N SER B 57 -28.32 -9.12 -12.71
CA SER B 57 -28.44 -9.78 -11.38
C SER B 57 -27.45 -10.94 -11.28
N ASN B 58 -27.44 -11.79 -12.30
CA ASN B 58 -26.66 -13.04 -12.35
C ASN B 58 -25.18 -12.70 -12.46
N LYS B 59 -24.86 -11.67 -13.23
CA LYS B 59 -23.48 -11.18 -13.38
C LYS B 59 -22.97 -10.71 -12.01
N ILE B 60 -23.74 -9.86 -11.32
CA ILE B 60 -23.30 -9.27 -10.02
C ILE B 60 -23.15 -10.40 -9.00
N THR B 61 -24.17 -11.21 -8.79
CA THR B 61 -24.05 -12.28 -7.76
C THR B 61 -22.91 -13.25 -8.12
N SER B 62 -22.65 -13.47 -9.40
CA SER B 62 -21.59 -14.43 -9.84
C SER B 62 -20.21 -13.83 -9.55
N CYS B 63 -20.00 -12.53 -9.83
CA CYS B 63 -18.74 -11.84 -9.46
C CYS B 63 -18.59 -11.81 -7.94
N ILE B 64 -19.63 -11.44 -7.22
CA ILE B 64 -19.59 -11.24 -5.74
C ILE B 64 -19.34 -12.59 -5.05
N PHE B 65 -19.99 -13.64 -5.52
CA PHE B 65 -19.82 -14.94 -4.85
C PHE B 65 -18.41 -15.45 -5.14
N GLN B 66 -17.92 -15.24 -6.35
CA GLN B 66 -16.54 -15.67 -6.67
C GLN B 66 -15.58 -14.89 -5.77
N LEU B 67 -15.78 -13.58 -5.64
CA LEU B 67 -14.99 -12.70 -4.76
C LEU B 67 -15.01 -13.27 -3.35
N LEU B 68 -16.20 -13.47 -2.79
CA LEU B 68 -16.29 -13.93 -1.38
C LEU B 68 -15.69 -15.34 -1.27
N GLN B 69 -15.92 -16.21 -2.23
CA GLN B 69 -15.50 -17.65 -2.15
C GLN B 69 -13.96 -17.74 -2.17
N GLU B 70 -13.31 -16.92 -3.00
CA GLU B 70 -11.84 -16.92 -3.19
C GLU B 70 -11.14 -16.26 -2.02
N ALA B 71 -11.81 -15.36 -1.30
CA ALA B 71 -11.39 -14.82 0.01
C ALA B 71 -11.41 -15.92 1.11
N GLY B 72 -12.29 -16.90 1.00
CA GLY B 72 -12.43 -18.03 1.94
C GLY B 72 -13.79 -18.03 2.64
N ILE B 73 -14.75 -17.20 2.20
CA ILE B 73 -16.11 -17.22 2.82
C ILE B 73 -16.86 -18.47 2.31
N LYS B 74 -17.44 -19.24 3.22
CA LYS B 74 -18.27 -20.40 2.81
C LYS B 74 -19.56 -19.92 2.13
N THR B 75 -19.75 -20.28 0.86
CA THR B 75 -20.75 -19.65 -0.04
C THR B 75 -21.33 -20.72 -0.98
N ALA B 76 -22.65 -20.71 -1.15
CA ALA B 76 -23.38 -21.58 -2.09
C ALA B 76 -23.23 -21.02 -3.52
N PHE B 77 -22.08 -21.34 -4.11
CA PHE B 77 -21.73 -21.00 -5.50
C PHE B 77 -20.79 -22.04 -6.07
N THR B 78 -21.11 -22.57 -7.23
CA THR B 78 -20.25 -23.52 -7.96
C THR B 78 -19.62 -22.78 -9.13
N ARG B 79 -20.42 -22.32 -10.08
CA ARG B 79 -19.94 -21.57 -11.26
C ARG B 79 -21.08 -20.79 -11.91
N LYS B 80 -20.73 -19.82 -12.74
CA LYS B 80 -21.71 -19.16 -13.64
C LYS B 80 -22.16 -20.18 -14.70
N CYS B 81 -23.37 -20.05 -15.21
CA CYS B 81 -23.93 -20.98 -16.21
C CYS B 81 -24.76 -20.18 -17.23
N GLY B 82 -24.05 -19.46 -18.10
CA GLY B 82 -24.64 -18.57 -19.10
C GLY B 82 -24.91 -17.21 -18.51
N GLU B 83 -25.58 -16.36 -19.29
CA GLU B 83 -25.79 -14.93 -18.95
C GLU B 83 -26.68 -14.82 -17.68
N THR B 84 -27.60 -15.76 -17.46
CA THR B 84 -28.78 -15.51 -16.57
C THR B 84 -28.93 -16.54 -15.45
N ALA B 85 -28.00 -17.47 -15.30
CA ALA B 85 -28.06 -18.53 -14.26
C ALA B 85 -26.69 -18.78 -13.66
N PHE B 86 -26.69 -19.55 -12.58
CA PHE B 86 -25.48 -20.03 -11.89
C PHE B 86 -25.80 -21.37 -11.25
N ILE B 87 -24.79 -22.22 -11.07
CA ILE B 87 -24.90 -23.52 -10.40
C ILE B 87 -24.48 -23.31 -8.95
N ALA B 88 -25.23 -23.90 -8.02
CA ALA B 88 -24.97 -23.80 -6.57
C ALA B 88 -25.13 -25.16 -5.95
N PRO B 89 -24.46 -25.43 -4.82
CA PRO B 89 -24.84 -26.54 -3.96
C PRO B 89 -26.25 -26.30 -3.41
N GLN B 90 -27.02 -27.39 -3.36
CA GLN B 90 -28.41 -27.36 -2.86
C GLN B 90 -28.36 -27.03 -1.35
N CYS B 91 -29.15 -26.05 -0.93
CA CYS B 91 -29.26 -25.65 0.50
C CYS B 91 -30.72 -25.59 0.93
N GLU B 92 -30.96 -25.78 2.21
CA GLU B 92 -32.24 -25.45 2.87
C GLU B 92 -32.10 -24.05 3.46
N MET B 93 -32.83 -23.09 2.92
CA MET B 93 -32.70 -21.67 3.27
C MET B 93 -33.20 -21.44 4.70
N ILE B 94 -32.46 -20.63 5.45
CA ILE B 94 -32.87 -20.12 6.79
C ILE B 94 -33.64 -18.84 6.58
N PRO B 95 -34.92 -18.77 6.99
CA PRO B 95 -35.80 -17.70 6.52
C PRO B 95 -35.58 -16.41 7.33
N ILE B 96 -34.35 -15.92 7.32
CA ILE B 96 -33.94 -14.68 8.04
C ILE B 96 -33.22 -13.82 7.02
N GLU B 97 -33.57 -12.53 7.02
CA GLU B 97 -32.85 -11.44 6.33
C GLU B 97 -31.85 -10.86 7.32
N TRP B 98 -30.56 -11.04 7.04
CA TRP B 98 -29.45 -10.52 7.85
C TRP B 98 -29.01 -9.19 7.25
N VAL B 99 -29.23 -8.10 7.97
CA VAL B 99 -28.86 -6.75 7.50
C VAL B 99 -27.63 -6.28 8.27
N CYS B 100 -26.69 -5.69 7.55
CA CYS B 100 -25.48 -5.06 8.12
C CYS B 100 -25.43 -3.62 7.63
N ARG B 101 -25.12 -2.71 8.54
CA ARG B 101 -25.06 -1.26 8.25
C ARG B 101 -23.71 -0.69 8.68
N ARG B 102 -23.09 0.10 7.81
CA ARG B 102 -22.02 1.06 8.18
C ARG B 102 -22.62 2.43 8.53
N ILE B 103 -23.62 2.87 7.78
CA ILE B 103 -24.23 4.23 7.87
C ILE B 103 -25.72 4.04 8.12
N ALA B 104 -26.25 4.74 9.10
CA ALA B 104 -27.68 4.71 9.40
C ALA B 104 -28.42 5.44 8.28
N THR B 105 -29.25 4.71 7.55
CA THR B 105 -30.30 5.26 6.66
C THR B 105 -31.48 4.30 6.70
N GLY B 106 -32.46 4.51 5.82
CA GLY B 106 -33.60 3.61 5.60
C GLY B 106 -34.34 3.30 6.89
N SER B 107 -34.66 2.03 7.09
CA SER B 107 -35.53 1.55 8.19
C SER B 107 -34.82 1.79 9.52
N PHE B 108 -33.49 1.90 9.53
CA PHE B 108 -32.83 2.15 10.83
C PHE B 108 -33.31 3.49 11.39
N LEU B 109 -33.47 4.49 10.53
CA LEU B 109 -34.02 5.82 10.93
C LEU B 109 -35.48 5.71 11.41
N LYS B 110 -36.34 4.93 10.75
CA LYS B 110 -37.77 4.84 11.16
C LYS B 110 -37.86 4.14 12.52
N ARG B 111 -37.11 3.07 12.74
CA ARG B 111 -37.17 2.32 14.02
C ARG B 111 -36.42 3.06 15.14
N ASN B 112 -35.62 4.07 14.80
CA ASN B 112 -34.82 4.85 15.78
C ASN B 112 -34.99 6.35 15.56
N PRO B 113 -36.19 6.92 15.81
CA PRO B 113 -36.40 8.37 15.69
C PRO B 113 -35.37 9.11 16.55
N GLY B 114 -34.79 10.17 15.99
CA GLY B 114 -33.80 11.02 16.65
C GLY B 114 -32.43 10.77 16.09
N VAL B 115 -32.14 9.55 15.64
CA VAL B 115 -30.86 9.28 14.95
C VAL B 115 -30.95 9.92 13.57
N LYS B 116 -29.85 10.52 13.14
CA LYS B 116 -29.75 11.31 11.88
C LYS B 116 -29.10 10.45 10.80
N GLU B 117 -29.55 10.63 9.57
CA GLU B 117 -28.84 10.06 8.42
C GLU B 117 -27.34 10.35 8.56
N GLY B 118 -26.50 9.33 8.31
CA GLY B 118 -25.04 9.44 8.26
C GLY B 118 -24.34 8.93 9.51
N TYR B 119 -25.08 8.63 10.57
CA TYR B 119 -24.50 8.07 11.83
C TYR B 119 -23.69 6.82 11.45
N LYS B 120 -22.43 6.74 11.86
CA LYS B 120 -21.55 5.61 11.47
C LYS B 120 -21.53 4.54 12.59
N PHE B 121 -21.58 3.26 12.22
CA PHE B 121 -21.55 2.12 13.16
C PHE B 121 -20.14 1.52 13.16
N TYR B 122 -19.50 1.47 14.31
CA TYR B 122 -18.18 0.84 14.57
C TYR B 122 -18.35 -0.10 15.76
N PRO B 123 -18.42 -1.44 15.59
CA PRO B 123 -18.28 -2.11 14.29
C PRO B 123 -19.61 -2.08 13.56
N PRO B 124 -19.69 -2.60 12.32
CA PRO B 124 -20.91 -2.54 11.55
C PRO B 124 -22.04 -3.24 12.32
N LYS B 125 -23.23 -2.64 12.28
CA LYS B 125 -24.45 -3.05 13.02
C LYS B 125 -25.11 -4.19 12.24
N VAL B 126 -25.46 -5.26 12.96
CA VAL B 126 -26.16 -6.46 12.41
C VAL B 126 -27.60 -6.49 12.98
N GLU B 127 -28.57 -6.66 12.10
CA GLU B 127 -29.98 -6.89 12.47
C GLU B 127 -30.52 -8.11 11.72
N LEU B 128 -31.60 -8.68 12.28
CA LEU B 128 -32.27 -9.90 11.75
C LEU B 128 -33.72 -9.51 11.44
N PHE B 129 -34.25 -9.94 10.32
CA PHE B 129 -35.68 -9.81 10.01
C PHE B 129 -36.19 -11.16 9.55
N PHE B 130 -37.29 -11.60 10.13
CA PHE B 130 -37.98 -12.85 9.75
C PHE B 130 -38.62 -12.66 8.39
N LYS B 131 -38.41 -13.59 7.46
CA LYS B 131 -39.05 -13.61 6.12
C LYS B 131 -40.53 -14.01 6.20
N ASP B 132 -41.38 -13.08 5.78
CA ASP B 132 -42.86 -13.14 5.89
C ASP B 132 -43.37 -11.94 5.11
N ASP B 133 -43.95 -12.16 3.92
CA ASP B 133 -44.50 -11.09 3.04
C ASP B 133 -45.67 -10.44 3.77
N ALA B 134 -46.62 -11.30 4.18
CA ALA B 134 -47.84 -11.01 4.98
C ALA B 134 -47.63 -9.93 6.05
N ASN B 135 -46.54 -9.97 6.83
CA ASN B 135 -46.30 -9.06 8.02
C ASN B 135 -45.12 -8.10 7.79
N ASN B 136 -44.73 -7.83 6.53
CA ASN B 136 -43.66 -6.87 6.12
C ASN B 136 -42.28 -7.15 6.75
N ASP B 137 -41.92 -8.42 6.98
CA ASP B 137 -40.56 -8.83 7.46
C ASP B 137 -40.25 -8.12 8.78
N PRO B 138 -40.89 -8.56 9.89
CA PRO B 138 -40.63 -7.94 11.19
C PRO B 138 -39.23 -8.30 11.72
N GLN B 139 -38.62 -7.32 12.39
CA GLN B 139 -37.30 -7.48 13.03
C GLN B 139 -37.43 -8.54 14.10
N TRP B 140 -36.40 -9.39 14.26
CA TRP B 140 -36.33 -10.38 15.35
C TRP B 140 -35.07 -10.11 16.16
N SER B 141 -35.14 -10.44 17.44
CA SER B 141 -33.98 -10.51 18.34
C SER B 141 -33.30 -11.84 18.08
N GLU B 142 -32.05 -11.97 18.48
CA GLU B 142 -31.38 -13.28 18.50
C GLU B 142 -32.19 -14.22 19.39
N GLU B 143 -32.77 -13.72 20.47
CA GLU B 143 -33.56 -14.55 21.43
C GLU B 143 -34.74 -15.16 20.67
N GLN B 144 -35.41 -14.40 19.82
CA GLN B 144 -36.58 -14.90 19.08
C GLN B 144 -36.15 -16.02 18.14
N LEU B 145 -35.01 -15.86 17.48
CA LEU B 145 -34.55 -16.84 16.45
C LEU B 145 -34.16 -18.12 17.15
N ILE B 146 -33.45 -18.03 18.28
CA ILE B 146 -33.06 -19.22 19.09
C ILE B 146 -34.32 -19.95 19.58
N ALA B 147 -35.31 -19.21 20.06
CA ALA B 147 -36.59 -19.77 20.56
C ALA B 147 -37.42 -20.40 19.43
N ALA B 148 -37.17 -20.04 18.17
CA ALA B 148 -37.90 -20.62 17.03
C ALA B 148 -37.58 -22.11 16.89
N LYS B 149 -36.42 -22.55 17.39
CA LYS B 149 -35.97 -23.96 17.27
C LYS B 149 -36.11 -24.45 15.82
N PHE B 150 -35.75 -23.62 14.85
CA PHE B 150 -35.69 -24.01 13.43
C PHE B 150 -34.65 -25.11 13.26
N CYS B 151 -34.99 -26.04 12.38
CA CYS B 151 -34.15 -27.17 11.96
C CYS B 151 -34.17 -27.19 10.43
N PHE B 152 -33.00 -27.17 9.79
CA PHE B 152 -32.84 -27.15 8.31
C PHE B 152 -31.73 -28.13 7.93
N ALA B 153 -32.04 -29.10 7.05
CA ALA B 153 -31.14 -30.21 6.66
C ALA B 153 -30.62 -30.90 7.91
N GLY B 154 -31.48 -30.94 8.95
CA GLY B 154 -31.15 -31.60 10.23
C GLY B 154 -30.30 -30.77 11.17
N LEU B 155 -29.85 -29.57 10.78
CA LEU B 155 -29.08 -28.71 11.71
C LEU B 155 -30.09 -27.93 12.56
N LEU B 156 -30.10 -28.15 13.87
CA LEU B 156 -30.93 -27.31 14.77
C LEU B 156 -30.22 -25.94 14.84
N ILE B 157 -30.93 -24.84 14.57
CA ILE B 157 -30.35 -23.46 14.61
C ILE B 157 -30.43 -22.92 16.03
N GLY B 158 -29.37 -23.11 16.81
CA GLY B 158 -29.26 -22.68 18.22
C GLY B 158 -28.33 -21.49 18.39
N GLN B 159 -27.91 -21.24 19.63
CA GLN B 159 -27.03 -20.09 19.94
C GLN B 159 -25.80 -20.16 19.03
N THR B 160 -25.11 -21.30 18.89
CA THR B 160 -23.86 -21.37 18.07
C THR B 160 -24.11 -20.92 16.63
N GLU B 161 -25.23 -21.38 16.05
CA GLU B 161 -25.52 -21.18 14.61
C GLU B 161 -25.88 -19.72 14.42
N VAL B 162 -26.62 -19.15 15.38
CA VAL B 162 -27.07 -17.75 15.28
C VAL B 162 -25.84 -16.83 15.39
N ASP B 163 -24.96 -17.15 16.32
CA ASP B 163 -23.68 -16.45 16.53
C ASP B 163 -22.84 -16.49 15.26
N ILE B 164 -22.83 -17.62 14.55
CA ILE B 164 -21.99 -17.81 13.33
C ILE B 164 -22.55 -16.94 12.21
N MET B 165 -23.85 -16.91 12.02
CA MET B 165 -24.48 -16.11 10.95
C MET B 165 -24.27 -14.63 11.25
N SER B 166 -24.38 -14.25 12.52
CA SER B 166 -24.20 -12.84 12.94
C SER B 166 -22.76 -12.41 12.61
N HIS B 167 -21.77 -13.18 13.00
CA HIS B 167 -20.36 -12.84 12.76
C HIS B 167 -20.06 -12.86 11.26
N ALA B 168 -20.52 -13.87 10.54
CA ALA B 168 -20.31 -13.99 9.10
C ALA B 168 -20.93 -12.81 8.37
N THR B 169 -22.10 -12.34 8.81
CA THR B 169 -22.79 -11.19 8.17
C THR B 169 -21.87 -9.97 8.21
N GLN B 170 -21.22 -9.73 9.34
CA GLN B 170 -20.35 -8.56 9.56
C GLN B 170 -19.11 -8.69 8.65
N ALA B 171 -18.53 -9.89 8.56
CA ALA B 171 -17.27 -10.13 7.80
C ALA B 171 -17.56 -9.96 6.30
N ILE B 172 -18.69 -10.44 5.84
CA ILE B 172 -19.09 -10.38 4.42
C ILE B 172 -19.27 -8.91 4.05
N PHE B 173 -20.03 -8.18 4.87
CA PHE B 173 -20.20 -6.72 4.68
C PHE B 173 -18.80 -6.06 4.56
N GLU B 174 -17.94 -6.30 5.54
CA GLU B 174 -16.59 -5.66 5.58
C GLU B 174 -15.83 -5.90 4.27
N ILE B 175 -15.84 -7.14 3.78
CA ILE B 175 -15.13 -7.59 2.56
C ILE B 175 -15.70 -6.89 1.33
N LEU B 176 -17.01 -6.85 1.18
CA LEU B 176 -17.65 -6.10 0.10
C LEU B 176 -17.32 -4.62 0.27
N GLU B 177 -17.31 -4.08 1.50
CA GLU B 177 -17.09 -2.64 1.75
C GLU B 177 -15.69 -2.29 1.27
N LYS B 178 -14.72 -3.11 1.66
CA LYS B 178 -13.30 -2.88 1.29
C LYS B 178 -13.14 -2.99 -0.22
N SER B 179 -13.87 -3.91 -0.83
CA SER B 179 -13.71 -4.28 -2.25
C SER B 179 -14.26 -3.16 -3.16
N TRP B 180 -15.26 -2.43 -2.69
CA TRP B 180 -15.92 -1.39 -3.52
C TRP B 180 -15.12 -0.09 -3.39
N LEU B 181 -14.30 0.04 -2.35
CA LEU B 181 -13.60 1.30 -2.03
C LEU B 181 -12.78 1.78 -3.24
N PRO B 182 -11.97 0.91 -3.88
CA PRO B 182 -11.13 1.35 -4.99
C PRO B 182 -11.92 1.91 -6.19
N GLN B 183 -13.24 1.67 -6.24
CA GLN B 183 -14.14 2.19 -7.31
C GLN B 183 -14.80 3.47 -6.81
N ASN B 184 -14.31 4.01 -5.70
CA ASN B 184 -14.89 5.25 -5.13
C ASN B 184 -16.37 5.06 -4.78
N CYS B 185 -16.77 3.87 -4.33
CA CYS B 185 -18.16 3.59 -3.90
C CYS B 185 -18.20 3.21 -2.42
N THR B 186 -19.08 3.89 -1.68
CA THR B 186 -19.39 3.59 -0.28
C THR B 186 -20.49 2.54 -0.22
N LEU B 187 -20.17 1.37 0.31
CA LEU B 187 -21.17 0.35 0.69
C LEU B 187 -21.78 0.78 2.02
N VAL B 188 -23.04 1.17 1.98
CA VAL B 188 -23.79 1.77 3.11
C VAL B 188 -24.36 0.65 4.00
N ASP B 189 -24.98 -0.35 3.39
CA ASP B 189 -25.65 -1.45 4.13
C ASP B 189 -25.94 -2.55 3.12
N MET B 190 -26.48 -3.66 3.59
CA MET B 190 -26.81 -4.80 2.70
C MET B 190 -27.69 -5.77 3.46
N LYS B 191 -28.39 -6.59 2.69
CA LYS B 191 -29.06 -7.80 3.21
C LYS B 191 -28.47 -9.04 2.55
N ILE B 192 -28.32 -10.11 3.32
CA ILE B 192 -27.93 -11.45 2.80
C ILE B 192 -28.79 -12.48 3.50
N GLU B 193 -28.78 -13.69 2.96
CA GLU B 193 -29.49 -14.86 3.54
C GLU B 193 -28.49 -16.01 3.60
N PHE B 194 -28.61 -16.86 4.60
CA PHE B 194 -27.82 -18.10 4.73
C PHE B 194 -28.72 -19.30 4.46
N GLY B 195 -28.08 -20.41 4.06
CA GLY B 195 -28.72 -21.72 4.03
C GLY B 195 -27.86 -22.78 4.68
N VAL B 196 -28.41 -23.98 4.84
CA VAL B 196 -27.65 -25.19 5.25
C VAL B 196 -27.46 -26.05 3.99
N ASP B 197 -26.21 -26.31 3.63
CA ASP B 197 -25.83 -27.20 2.50
C ASP B 197 -26.33 -28.62 2.86
N VAL B 198 -27.21 -29.19 2.04
CA VAL B 198 -27.88 -30.50 2.34
C VAL B 198 -26.86 -31.63 2.37
N THR B 199 -25.68 -31.42 1.78
CA THR B 199 -24.60 -32.45 1.70
C THR B 199 -23.66 -32.23 2.89
N THR B 200 -23.05 -31.05 3.03
CA THR B 200 -22.01 -30.80 4.06
C THR B 200 -22.65 -30.50 5.42
N LYS B 201 -23.92 -30.06 5.47
CA LYS B 201 -24.59 -29.60 6.74
C LYS B 201 -24.01 -28.28 7.28
N GLU B 202 -23.19 -27.57 6.51
CA GLU B 202 -22.51 -26.34 6.95
C GLU B 202 -23.45 -25.17 6.62
N ILE B 203 -23.54 -24.18 7.50
CA ILE B 203 -24.19 -22.91 7.13
C ILE B 203 -23.29 -22.18 6.14
N VAL B 204 -23.89 -21.65 5.07
CA VAL B 204 -23.20 -21.01 3.94
C VAL B 204 -24.05 -19.82 3.50
N LEU B 205 -23.36 -18.78 3.04
CA LEU B 205 -24.01 -17.64 2.37
C LEU B 205 -24.73 -18.20 1.14
N ALA B 206 -25.95 -17.77 0.88
CA ALA B 206 -26.78 -18.35 -0.19
C ALA B 206 -27.65 -17.27 -0.83
N ASP B 207 -28.79 -17.67 -1.40
CA ASP B 207 -29.62 -16.79 -2.24
C ASP B 207 -28.70 -16.10 -3.23
N VAL B 208 -28.83 -14.78 -3.38
CA VAL B 208 -27.97 -13.97 -4.28
C VAL B 208 -27.54 -12.72 -3.52
N ILE B 209 -26.48 -12.10 -4.04
CA ILE B 209 -26.15 -10.69 -3.70
C ILE B 209 -26.13 -9.93 -5.02
N ASP B 210 -27.07 -9.02 -5.20
CA ASP B 210 -27.16 -8.23 -6.45
C ASP B 210 -27.49 -6.80 -6.06
N ASN B 211 -27.91 -5.99 -7.00
CA ASN B 211 -28.10 -4.53 -6.81
C ASN B 211 -29.32 -4.26 -5.93
N ASP B 212 -30.10 -5.29 -5.61
CA ASP B 212 -31.27 -5.14 -4.71
C ASP B 212 -30.82 -5.48 -3.28
N SER B 213 -29.62 -6.04 -3.14
CA SER B 213 -29.04 -6.51 -1.87
C SER B 213 -28.35 -5.40 -1.06
N TRP B 214 -28.11 -4.20 -1.59
CA TRP B 214 -27.23 -3.24 -0.86
C TRP B 214 -27.59 -1.79 -1.21
N ARG B 215 -26.88 -0.85 -0.60
CA ARG B 215 -26.95 0.60 -0.92
C ARG B 215 -25.53 0.99 -1.28
N LEU B 216 -25.34 1.59 -2.45
CA LEU B 216 -24.00 1.88 -3.01
C LEU B 216 -24.00 3.35 -3.43
N TRP B 217 -23.26 4.19 -2.71
CA TRP B 217 -23.16 5.63 -3.00
C TRP B 217 -21.80 5.94 -3.62
N PRO B 218 -21.73 6.27 -4.93
CA PRO B 218 -20.49 6.83 -5.50
C PRO B 218 -20.06 8.04 -4.66
N SER B 219 -18.78 8.07 -4.26
CA SER B 219 -18.14 9.20 -3.52
C SER B 219 -18.91 9.44 -2.21
N GLY B 220 -19.57 8.41 -1.70
CA GLY B 220 -20.37 8.50 -0.47
C GLY B 220 -21.54 9.48 -0.60
N ASP B 221 -22.00 9.79 -1.82
CA ASP B 221 -23.10 10.77 -2.08
C ASP B 221 -24.44 10.05 -2.34
N ARG B 222 -25.44 10.28 -1.48
CA ARG B 222 -26.77 9.59 -1.53
C ARG B 222 -27.53 9.90 -2.84
N SER B 223 -27.42 11.13 -3.36
CA SER B 223 -28.13 11.62 -4.57
C SER B 223 -27.61 10.89 -5.82
N GLN B 224 -26.40 10.30 -5.76
CA GLN B 224 -25.79 9.46 -6.82
C GLN B 224 -26.01 7.95 -6.55
N GLN B 225 -27.00 7.57 -5.73
CA GLN B 225 -27.50 6.18 -5.51
C GLN B 225 -27.45 5.30 -6.78
N LYS B 226 -26.76 4.15 -6.77
CA LYS B 226 -26.65 3.28 -7.96
C LYS B 226 -27.49 2.00 -7.79
N ASP B 227 -28.05 1.80 -6.62
CA ASP B 227 -28.67 0.53 -6.17
C ASP B 227 -30.19 0.58 -6.44
N LYS B 228 -30.94 -0.40 -5.95
CA LYS B 228 -32.39 -0.52 -6.22
C LYS B 228 -33.18 0.61 -5.52
N GLN B 229 -32.60 1.31 -4.53
CA GLN B 229 -33.29 2.41 -3.81
C GLN B 229 -33.76 3.45 -4.84
N SER B 230 -32.97 3.68 -5.91
CA SER B 230 -33.32 4.60 -7.03
C SER B 230 -34.74 4.33 -7.53
N TYR B 231 -35.14 3.04 -7.61
CA TYR B 231 -36.45 2.50 -8.06
C TYR B 231 -37.46 2.59 -6.91
N ARG B 232 -37.12 2.13 -5.69
CA ARG B 232 -38.06 2.16 -4.53
C ARG B 232 -38.60 3.59 -4.31
N ASP B 233 -37.76 4.61 -4.51
CA ASP B 233 -38.05 6.04 -4.15
C ASP B 233 -39.00 6.71 -5.14
N LEU B 234 -39.02 6.29 -6.42
CA LEU B 234 -39.81 6.91 -7.52
C LEU B 234 -41.28 7.13 -7.10
N LYS B 235 -41.72 8.40 -7.16
CA LYS B 235 -43.12 8.81 -6.89
C LYS B 235 -44.02 7.89 -7.71
N GLU B 236 -43.81 7.98 -9.03
CA GLU B 236 -44.55 7.28 -10.11
C GLU B 236 -43.54 6.50 -10.93
N VAL B 237 -43.85 5.24 -11.25
CA VAL B 237 -43.03 4.38 -12.15
C VAL B 237 -43.46 4.66 -13.60
N THR B 238 -42.70 5.50 -14.31
CA THR B 238 -42.91 5.84 -15.75
C THR B 238 -41.96 4.94 -16.54
N PRO B 239 -42.19 4.75 -17.87
CA PRO B 239 -41.21 4.07 -18.73
C PRO B 239 -39.88 4.84 -18.87
N GLU B 240 -39.87 6.15 -18.57
CA GLU B 240 -38.63 6.99 -18.54
C GLU B 240 -37.89 6.77 -17.20
N GLY B 241 -38.62 6.60 -16.09
CA GLY B 241 -38.07 6.30 -14.76
C GLY B 241 -37.36 4.95 -14.73
N LEU B 242 -37.99 3.93 -15.32
CA LEU B 242 -37.48 2.54 -15.44
C LEU B 242 -36.18 2.48 -16.28
N GLN B 243 -35.97 3.40 -17.25
CA GLN B 243 -34.72 3.48 -18.09
C GLN B 243 -33.56 4.05 -17.27
N MET B 244 -33.82 4.98 -16.34
CA MET B 244 -32.82 5.54 -15.39
C MET B 244 -32.36 4.43 -14.42
N VAL B 245 -33.30 3.73 -13.77
CA VAL B 245 -33.06 2.56 -12.87
C VAL B 245 -32.20 1.55 -13.64
N LYS B 246 -32.52 1.32 -14.92
CA LYS B 246 -31.78 0.39 -15.81
C LYS B 246 -30.31 0.81 -15.93
N LYS B 247 -30.05 2.09 -16.20
CA LYS B 247 -28.67 2.64 -16.34
C LYS B 247 -27.91 2.47 -15.01
N ASN B 248 -28.55 2.73 -13.86
CA ASN B 248 -27.93 2.50 -12.51
C ASN B 248 -27.50 1.02 -12.38
N PHE B 249 -28.35 0.07 -12.77
CA PHE B 249 -28.03 -1.38 -12.66
C PHE B 249 -26.85 -1.68 -13.56
N GLU B 250 -26.80 -1.03 -14.73
CA GLU B 250 -25.77 -1.24 -15.78
C GLU B 250 -24.43 -0.66 -15.28
N TRP B 251 -24.49 0.48 -14.60
CA TRP B 251 -23.33 1.14 -13.98
C TRP B 251 -22.69 0.15 -13.02
N VAL B 252 -23.50 -0.47 -12.15
CA VAL B 252 -22.99 -1.45 -11.15
C VAL B 252 -22.41 -2.62 -11.91
N ALA B 253 -23.16 -3.14 -12.88
CA ALA B 253 -22.85 -4.35 -13.66
C ALA B 253 -21.51 -4.19 -14.34
N GLU B 254 -21.19 -2.99 -14.82
CA GLU B 254 -19.93 -2.75 -15.58
C GLU B 254 -18.78 -2.95 -14.59
N ARG B 255 -18.89 -2.27 -13.45
CA ARG B 255 -17.80 -2.11 -12.47
C ARG B 255 -17.66 -3.32 -11.55
N VAL B 256 -18.66 -4.18 -11.41
CA VAL B 256 -18.60 -5.22 -10.37
C VAL B 256 -17.42 -6.17 -10.67
N GLU B 257 -17.16 -6.45 -11.93
CA GLU B 257 -16.07 -7.37 -12.34
C GLU B 257 -14.72 -6.82 -11.88
N LEU B 258 -14.60 -5.50 -11.70
CA LEU B 258 -13.33 -4.87 -11.27
C LEU B 258 -12.99 -5.21 -9.80
N LEU B 259 -13.95 -5.66 -8.98
CA LEU B 259 -13.70 -6.11 -7.60
C LEU B 259 -12.81 -7.35 -7.62
N LEU B 260 -12.77 -8.08 -8.73
CA LEU B 260 -11.89 -9.28 -8.85
C LEU B 260 -10.48 -8.87 -9.32
N LYS B 261 -10.28 -7.61 -9.67
CA LYS B 261 -8.96 -7.11 -10.12
C LYS B 261 -8.11 -6.70 -8.89
N SER B 262 -6.90 -7.23 -8.85
CA SER B 262 -5.83 -6.79 -7.94
C SER B 262 -5.37 -5.38 -8.35
N GLU B 263 -5.44 -4.42 -7.43
CA GLU B 263 -5.10 -3.00 -7.68
C GLU B 263 -3.60 -2.72 -7.39
N SER B 264 -2.81 -3.69 -6.96
CA SER B 264 -1.38 -3.51 -6.56
C SER B 264 -0.64 -4.85 -6.60
N GLN B 265 0.60 -4.86 -7.07
CA GLN B 265 1.44 -6.07 -7.05
C GLN B 265 2.09 -6.25 -5.67
N CYS B 266 2.27 -7.49 -5.27
CA CYS B 266 2.74 -7.92 -3.94
C CYS B 266 3.81 -9.00 -4.16
N ARG B 267 4.84 -9.03 -3.32
CA ARG B 267 5.91 -10.01 -3.42
C ARG B 267 6.60 -10.13 -2.06
N VAL B 268 6.86 -11.37 -1.67
CA VAL B 268 7.76 -11.68 -0.53
C VAL B 268 9.05 -12.24 -1.12
N VAL B 269 10.18 -11.81 -0.63
CA VAL B 269 11.46 -12.45 -0.97
C VAL B 269 12.01 -13.00 0.35
N VAL B 270 12.19 -14.30 0.40
CA VAL B 270 12.78 -14.99 1.57
C VAL B 270 14.25 -15.18 1.26
N LEU B 271 15.11 -14.55 2.05
CA LEU B 271 16.58 -14.63 1.91
C LEU B 271 17.08 -15.55 3.00
N MET B 272 17.80 -16.62 2.64
CA MET B 272 18.30 -17.63 3.59
C MET B 272 19.82 -17.72 3.51
N GLY B 273 20.49 -17.75 4.65
CA GLY B 273 21.98 -17.78 4.71
C GLY B 273 22.58 -19.13 4.37
N SER B 274 21.76 -20.17 4.31
CA SER B 274 22.19 -21.57 4.08
C SER B 274 21.03 -22.38 3.49
N THR B 275 21.34 -23.33 2.61
CA THR B 275 20.34 -24.27 2.06
C THR B 275 19.84 -25.25 3.13
N SER B 276 20.51 -25.39 4.26
CA SER B 276 20.06 -26.21 5.40
C SER B 276 18.80 -25.59 6.05
N ASP B 277 18.49 -24.31 5.81
CA ASP B 277 17.26 -23.64 6.30
C ASP B 277 16.15 -23.72 5.27
N LEU B 278 16.32 -24.49 4.21
CA LEU B 278 15.36 -24.47 3.08
C LEU B 278 13.95 -24.87 3.51
N GLY B 279 13.81 -25.87 4.38
CA GLY B 279 12.51 -26.45 4.75
C GLY B 279 11.70 -25.41 5.46
N HIS B 280 12.36 -24.61 6.30
CA HIS B 280 11.72 -23.51 7.04
C HIS B 280 11.25 -22.47 6.03
N CYS B 281 12.07 -22.20 5.02
CA CYS B 281 11.73 -21.24 3.95
C CYS B 281 10.56 -21.76 3.10
N GLU B 282 10.46 -23.07 2.83
CA GLU B 282 9.33 -23.68 2.07
C GLU B 282 8.00 -23.39 2.78
N LYS B 283 7.98 -23.47 4.11
CA LYS B 283 6.76 -23.22 4.93
C LYS B 283 6.29 -21.78 4.76
N ILE B 284 7.21 -20.81 4.72
CA ILE B 284 6.90 -19.39 4.53
C ILE B 284 6.29 -19.24 3.13
N LYS B 285 6.95 -19.79 2.11
CA LYS B 285 6.48 -19.72 0.72
C LYS B 285 5.07 -20.35 0.58
N LYS B 286 4.84 -21.52 1.18
CA LYS B 286 3.53 -22.20 1.06
C LYS B 286 2.48 -21.25 1.64
N ALA B 287 2.79 -20.67 2.80
CA ALA B 287 1.84 -19.82 3.54
C ALA B 287 1.58 -18.54 2.77
N CYS B 288 2.55 -18.02 2.02
CA CYS B 288 2.35 -16.83 1.15
C CYS B 288 1.36 -17.20 0.04
N GLY B 289 1.47 -18.40 -0.54
CA GLY B 289 0.50 -18.93 -1.50
C GLY B 289 -0.93 -18.90 -0.96
N ASN B 290 -1.14 -19.20 0.32
CA ASN B 290 -2.52 -19.18 0.90
C ASN B 290 -3.11 -17.77 0.82
N PHE B 291 -2.27 -16.72 0.77
CA PHE B 291 -2.74 -15.30 0.73
C PHE B 291 -2.70 -14.72 -0.70
N GLY B 292 -2.40 -15.55 -1.71
CA GLY B 292 -2.24 -15.16 -3.13
C GLY B 292 -1.03 -14.27 -3.39
N ILE B 293 0.02 -14.38 -2.58
CA ILE B 293 1.23 -13.53 -2.69
C ILE B 293 2.40 -14.34 -3.26
N PRO B 294 2.89 -13.98 -4.45
CA PRO B 294 4.10 -14.58 -5.00
C PRO B 294 5.26 -14.44 -4.01
N CYS B 295 6.09 -15.46 -3.94
CA CYS B 295 7.16 -15.61 -2.95
C CYS B 295 8.39 -16.26 -3.62
N GLU B 296 9.52 -15.58 -3.61
CA GLU B 296 10.79 -16.08 -4.17
C GLU B 296 11.74 -16.42 -3.01
N LEU B 297 12.48 -17.54 -3.16
CA LEU B 297 13.57 -17.97 -2.26
C LEU B 297 14.92 -17.66 -2.89
N ARG B 298 15.84 -17.12 -2.09
CA ARG B 298 17.21 -16.81 -2.54
C ARG B 298 18.17 -17.20 -1.41
N VAL B 299 19.40 -17.48 -1.82
CA VAL B 299 20.45 -17.95 -0.89
C VAL B 299 21.50 -16.87 -0.92
N THR B 300 21.74 -16.24 0.23
CA THR B 300 22.82 -15.24 0.39
C THR B 300 23.18 -15.14 1.86
N SER B 301 24.46 -14.93 2.15
CA SER B 301 24.98 -14.79 3.52
C SER B 301 25.55 -13.40 3.66
N ALA B 302 25.10 -12.66 4.67
CA ALA B 302 25.61 -11.32 4.98
C ALA B 302 27.06 -11.47 5.43
N HIS B 303 27.41 -12.59 6.06
CA HIS B 303 28.76 -12.82 6.66
C HIS B 303 29.76 -13.29 5.62
N LYS B 304 29.36 -14.14 4.69
CA LYS B 304 30.30 -14.80 3.75
C LYS B 304 30.21 -14.14 2.35
N GLY B 305 29.16 -13.37 2.08
CA GLY B 305 28.95 -12.74 0.76
C GLY B 305 28.10 -11.47 0.83
N PRO B 306 28.49 -10.47 1.66
CA PRO B 306 27.70 -9.26 1.87
C PRO B 306 27.51 -8.39 0.63
N ASP B 307 28.51 -8.36 -0.25
CA ASP B 307 28.46 -7.70 -1.59
C ASP B 307 27.26 -8.28 -2.37
N GLU B 308 27.09 -9.59 -2.34
CA GLU B 308 26.02 -10.31 -3.08
C GLU B 308 24.68 -10.10 -2.38
N THR B 309 24.64 -10.00 -1.05
CA THR B 309 23.36 -9.74 -0.36
C THR B 309 22.79 -8.42 -0.89
N LEU B 310 23.64 -7.39 -0.94
CA LEU B 310 23.25 -6.05 -1.43
C LEU B 310 22.89 -6.08 -2.91
N ARG B 311 23.60 -6.84 -3.75
CA ARG B 311 23.28 -6.98 -5.20
C ARG B 311 21.88 -7.61 -5.33
N ILE B 312 21.55 -8.62 -4.52
CA ILE B 312 20.25 -9.32 -4.63
C ILE B 312 19.15 -8.37 -4.15
N LYS B 313 19.38 -7.74 -3.01
CA LYS B 313 18.49 -6.68 -2.48
C LYS B 313 18.16 -5.72 -3.64
N ALA B 314 19.19 -5.26 -4.35
CA ALA B 314 19.05 -4.22 -5.39
C ALA B 314 18.19 -4.70 -6.54
N GLU B 315 18.26 -5.97 -6.93
CA GLU B 315 17.45 -6.52 -8.03
C GLU B 315 15.96 -6.37 -7.70
N TYR B 316 15.58 -6.61 -6.45
CA TYR B 316 14.16 -6.58 -6.01
C TYR B 316 13.72 -5.16 -5.66
N GLU B 317 14.65 -4.29 -5.25
CA GLU B 317 14.34 -2.85 -5.03
C GLU B 317 14.03 -2.15 -6.35
N GLY B 318 14.61 -2.64 -7.44
CA GLY B 318 14.86 -1.87 -8.67
C GLY B 318 13.83 -2.10 -9.75
N ASP B 319 12.94 -3.10 -9.63
CA ASP B 319 12.00 -3.49 -10.72
C ASP B 319 10.58 -2.97 -10.49
N GLY B 320 10.34 -2.17 -9.45
CA GLY B 320 9.03 -1.52 -9.23
C GLY B 320 8.02 -2.35 -8.48
N ILE B 321 8.27 -3.62 -8.25
CA ILE B 321 7.28 -4.47 -7.53
C ILE B 321 7.41 -4.32 -6.00
N PRO B 322 6.36 -3.82 -5.33
CA PRO B 322 6.37 -3.70 -3.88
C PRO B 322 6.73 -5.05 -3.25
N THR B 323 7.64 -5.01 -2.28
CA THR B 323 8.32 -6.21 -1.75
C THR B 323 8.52 -6.15 -0.23
N VAL B 324 8.28 -7.27 0.43
CA VAL B 324 8.65 -7.51 1.85
C VAL B 324 9.74 -8.57 1.87
N PHE B 325 10.85 -8.30 2.55
CA PHE B 325 11.97 -9.25 2.68
C PHE B 325 11.79 -10.02 3.97
N VAL B 326 11.94 -11.33 3.92
CA VAL B 326 12.01 -12.16 5.16
C VAL B 326 13.43 -12.74 5.26
N ALA B 327 14.15 -12.39 6.32
CA ALA B 327 15.54 -12.88 6.57
C ALA B 327 15.46 -14.11 7.46
N VAL B 328 15.89 -15.23 6.93
CA VAL B 328 15.98 -16.53 7.66
C VAL B 328 17.46 -16.86 7.90
N ALA B 329 17.98 -16.50 9.08
CA ALA B 329 19.38 -16.80 9.46
C ALA B 329 19.37 -17.35 10.87
N GLY B 330 19.83 -18.59 11.00
CA GLY B 330 20.10 -19.26 12.29
C GLY B 330 21.34 -18.68 12.97
N ARG B 331 21.57 -19.07 14.23
CA ARG B 331 22.73 -18.58 15.02
C ARG B 331 22.65 -17.05 15.08
N SER B 332 23.77 -16.34 14.89
CA SER B 332 23.84 -14.85 14.92
C SER B 332 23.33 -14.32 13.57
N ASN B 333 22.07 -13.91 13.59
CA ASN B 333 21.35 -13.34 12.41
C ASN B 333 21.99 -11.97 12.14
N GLY B 334 22.84 -11.89 11.10
CA GLY B 334 23.37 -10.64 10.51
C GLY B 334 22.61 -10.25 9.25
N LEU B 335 21.84 -11.20 8.70
CA LEU B 335 21.16 -11.04 7.41
C LEU B 335 20.03 -10.04 7.55
N GLY B 336 19.23 -10.13 8.62
CA GLY B 336 18.09 -9.20 8.83
C GLY B 336 18.58 -7.79 9.06
N PRO B 337 19.49 -7.60 10.04
CA PRO B 337 20.16 -6.32 10.26
C PRO B 337 20.76 -5.63 9.02
N VAL B 338 21.69 -6.27 8.32
CA VAL B 338 22.29 -5.72 7.08
C VAL B 338 21.15 -5.39 6.08
N MET B 339 20.16 -6.23 5.91
CA MET B 339 19.10 -5.95 4.94
C MET B 339 18.30 -4.74 5.44
N SER B 340 17.93 -4.77 6.70
CA SER B 340 17.10 -3.71 7.31
C SER B 340 17.78 -2.35 7.17
N GLY B 341 19.09 -2.34 7.35
CA GLY B 341 19.89 -1.11 7.31
C GLY B 341 20.01 -0.58 5.89
N ASN B 342 19.76 -1.39 4.87
CA ASN B 342 20.12 -0.95 3.50
C ASN B 342 18.91 -0.87 2.56
N THR B 343 17.67 -1.03 3.06
CA THR B 343 16.45 -0.94 2.22
C THR B 343 15.41 -0.14 2.98
N ALA B 344 14.61 0.62 2.24
CA ALA B 344 13.42 1.35 2.70
C ALA B 344 12.21 0.39 2.80
N TYR B 345 12.32 -0.78 2.18
CA TYR B 345 11.23 -1.79 2.23
C TYR B 345 11.27 -2.50 3.58
N PRO B 346 10.14 -3.02 4.05
CA PRO B 346 10.14 -3.75 5.30
C PRO B 346 10.99 -5.03 5.26
N VAL B 347 11.67 -5.31 6.36
CA VAL B 347 12.42 -6.56 6.59
C VAL B 347 11.92 -7.21 7.87
N ILE B 348 11.58 -8.49 7.76
CA ILE B 348 11.13 -9.36 8.88
C ILE B 348 12.20 -10.41 9.08
N SER B 349 12.74 -10.52 10.29
CA SER B 349 13.58 -11.70 10.66
C SER B 349 12.63 -12.79 11.10
N CYS B 350 12.71 -13.96 10.47
CA CYS B 350 12.00 -15.18 10.92
C CYS B 350 13.05 -16.27 11.11
N PRO B 351 13.80 -16.23 12.23
CA PRO B 351 14.94 -17.15 12.40
C PRO B 351 14.41 -18.54 12.65
N PRO B 352 15.07 -19.60 12.09
CA PRO B 352 14.67 -21.00 12.30
C PRO B 352 15.10 -21.49 13.68
N LEU B 353 14.51 -20.93 14.75
CA LEU B 353 14.85 -21.25 16.17
C LEU B 353 14.45 -22.68 16.46
N THR B 354 15.26 -23.36 17.26
CA THR B 354 14.96 -24.66 17.91
C THR B 354 15.20 -24.49 19.40
N PRO B 355 14.64 -25.35 20.29
CA PRO B 355 14.87 -25.21 21.73
C PRO B 355 16.32 -25.40 22.22
N ASP B 356 17.21 -25.98 21.40
CA ASP B 356 18.63 -26.19 21.78
C ASP B 356 19.32 -24.86 22.15
N TRP B 357 19.27 -23.87 21.25
CA TRP B 357 20.03 -22.59 21.37
C TRP B 357 19.15 -21.36 21.01
N GLY B 358 17.86 -21.59 20.73
CA GLY B 358 16.89 -20.58 20.30
C GLY B 358 16.70 -19.46 21.32
N VAL B 359 16.70 -19.76 22.64
CA VAL B 359 16.62 -18.72 23.72
C VAL B 359 17.79 -17.71 23.53
N GLN B 360 18.96 -18.17 23.10
CA GLN B 360 20.20 -17.34 22.97
C GLN B 360 20.19 -16.66 21.59
N ASP B 361 19.82 -17.41 20.54
CA ASP B 361 19.90 -16.93 19.14
C ASP B 361 18.93 -15.78 18.85
N VAL B 362 17.72 -15.79 19.41
CA VAL B 362 16.63 -14.79 19.15
C VAL B 362 17.16 -13.36 19.38
N TRP B 363 18.05 -13.17 20.35
CA TRP B 363 18.45 -11.80 20.77
C TRP B 363 19.21 -11.08 19.64
N SER B 364 19.82 -11.83 18.71
CA SER B 364 20.53 -11.29 17.51
C SER B 364 19.54 -10.62 16.54
N SER B 365 18.25 -11.04 16.53
CA SER B 365 17.16 -10.45 15.71
C SER B 365 16.52 -9.24 16.42
N LEU B 366 16.55 -9.20 17.76
CA LEU B 366 15.68 -8.32 18.62
C LEU B 366 16.37 -7.00 19.02
N ARG B 367 17.65 -7.07 19.37
CA ARG B 367 18.40 -5.94 19.98
C ARG B 367 19.29 -5.35 18.88
N LEU B 368 18.75 -4.39 18.13
CA LEU B 368 19.41 -3.81 16.92
C LEU B 368 19.87 -2.38 17.23
N PRO B 369 21.02 -1.93 16.65
CA PRO B 369 21.38 -0.52 16.62
C PRO B 369 20.23 0.39 16.15
N SER B 370 20.27 1.68 16.52
CA SER B 370 19.29 2.71 16.07
C SER B 370 19.36 2.83 14.53
N GLY B 371 18.31 3.37 13.92
CA GLY B 371 18.17 3.48 12.44
C GLY B 371 17.69 2.19 11.78
N LEU B 372 17.35 1.15 12.55
CA LEU B 372 16.89 -0.16 12.03
C LEU B 372 15.44 -0.40 12.48
N GLY B 373 14.55 -0.53 11.50
CA GLY B 373 13.13 -0.89 11.72
C GLY B 373 12.87 -2.39 11.69
N CYS B 374 13.89 -3.26 11.51
CA CYS B 374 13.76 -4.75 11.40
C CYS B 374 12.84 -5.29 12.52
N SER B 375 11.75 -5.97 12.13
CA SER B 375 10.82 -6.70 13.01
C SER B 375 11.25 -8.17 13.15
N THR B 376 10.62 -8.85 14.11
CA THR B 376 10.82 -10.28 14.39
C THR B 376 9.45 -10.92 14.47
N VAL B 377 9.27 -11.98 13.67
CA VAL B 377 8.15 -12.95 13.77
C VAL B 377 8.75 -14.34 13.81
N LEU B 378 8.57 -15.06 14.93
CA LEU B 378 9.09 -16.44 15.11
C LEU B 378 8.35 -17.43 14.21
N SER B 379 7.04 -17.34 14.11
CA SER B 379 6.30 -18.35 13.32
C SER B 379 6.64 -18.16 11.85
N PRO B 380 7.01 -19.23 11.11
CA PRO B 380 7.14 -19.13 9.64
C PRO B 380 5.80 -18.83 8.95
N GLU B 381 4.72 -19.50 9.33
CA GLU B 381 3.35 -19.18 8.81
C GLU B 381 2.98 -17.75 9.22
N GLY B 382 3.31 -17.38 10.46
CA GLY B 382 3.16 -16.01 10.95
C GLY B 382 3.90 -14.97 10.11
N SER B 383 5.12 -15.25 9.67
CA SER B 383 5.93 -14.37 8.80
C SER B 383 5.07 -13.93 7.62
N ALA B 384 4.52 -14.93 6.96
CA ALA B 384 3.74 -14.79 5.72
C ALA B 384 2.48 -13.99 6.05
N GLN B 385 1.84 -14.35 7.15
CA GLN B 385 0.63 -13.65 7.62
C GLN B 385 0.97 -12.18 7.87
N PHE B 386 2.09 -11.92 8.53
CA PHE B 386 2.46 -10.52 8.80
C PHE B 386 2.68 -9.85 7.45
N ALA B 387 3.35 -10.53 6.52
CA ALA B 387 3.64 -9.93 5.20
C ALA B 387 2.31 -9.68 4.48
N ALA B 388 1.35 -10.58 4.60
CA ALA B 388 0.01 -10.40 4.01
C ALA B 388 -0.65 -9.17 4.62
N GLN B 389 -0.53 -9.01 5.94
CA GLN B 389 -1.17 -7.88 6.65
C GLN B 389 -0.61 -6.56 6.09
N ILE B 390 0.70 -6.50 5.87
CA ILE B 390 1.31 -5.27 5.29
C ILE B 390 0.71 -5.03 3.90
N PHE B 391 0.66 -6.05 3.04
CA PHE B 391 0.13 -5.88 1.68
C PHE B 391 -1.37 -5.62 1.70
N GLY B 392 -2.07 -6.08 2.74
CA GLY B 392 -3.53 -5.90 2.85
C GLY B 392 -3.89 -4.44 3.00
N LEU B 393 -2.97 -3.59 3.45
CA LEU B 393 -3.21 -2.13 3.51
C LEU B 393 -3.43 -1.52 2.11
N SER B 394 -2.93 -2.15 1.06
CA SER B 394 -2.90 -1.59 -0.32
C SER B 394 -3.59 -2.56 -1.31
N ASN B 395 -4.00 -3.74 -0.86
CA ASN B 395 -4.57 -4.81 -1.72
C ASN B 395 -5.79 -5.47 -1.06
N HIS B 396 -6.97 -5.19 -1.58
CA HIS B 396 -8.28 -5.63 -1.01
C HIS B 396 -8.43 -7.15 -1.10
N LEU B 397 -7.78 -7.81 -2.05
CA LEU B 397 -7.89 -9.27 -2.20
C LEU B 397 -7.14 -9.91 -1.05
N VAL B 398 -5.92 -9.45 -0.77
CA VAL B 398 -5.13 -9.97 0.38
C VAL B 398 -5.89 -9.67 1.69
N TRP B 399 -6.33 -8.42 1.86
CA TRP B 399 -7.06 -7.98 3.06
C TRP B 399 -8.21 -8.98 3.30
N SER B 400 -8.94 -9.29 2.24
CA SER B 400 -10.19 -10.07 2.33
C SER B 400 -9.86 -11.50 2.75
N LYS B 401 -8.76 -12.07 2.27
CA LYS B 401 -8.35 -13.44 2.71
C LYS B 401 -8.05 -13.40 4.20
N LEU B 402 -7.41 -12.32 4.69
CA LEU B 402 -7.04 -12.20 6.11
C LEU B 402 -8.34 -12.09 6.92
N ARG B 403 -9.30 -11.31 6.43
CA ARG B 403 -10.55 -11.03 7.17
C ARG B 403 -11.39 -12.31 7.25
N ALA B 404 -11.56 -13.01 6.14
CA ALA B 404 -12.31 -14.30 6.11
C ALA B 404 -11.62 -15.30 7.04
N SER B 405 -10.30 -15.30 7.06
CA SER B 405 -9.50 -16.20 7.93
C SER B 405 -9.77 -15.92 9.41
N ILE B 406 -9.91 -14.66 9.81
CA ILE B 406 -10.35 -14.34 11.18
C ILE B 406 -11.72 -15.01 11.43
N LEU B 407 -12.63 -14.89 10.48
CA LEU B 407 -13.99 -15.45 10.70
C LEU B 407 -13.86 -16.96 10.84
N ASN B 408 -13.17 -17.63 9.91
CA ASN B 408 -13.20 -19.10 9.79
C ASN B 408 -12.53 -19.68 11.05
N THR B 409 -11.45 -19.07 11.52
CA THR B 409 -10.74 -19.52 12.73
C THR B 409 -11.71 -19.46 13.90
N TRP B 410 -12.47 -18.39 13.96
CA TRP B 410 -13.40 -18.16 15.08
C TRP B 410 -14.50 -19.20 14.99
N ILE B 411 -14.98 -19.49 13.78
CA ILE B 411 -16.02 -20.53 13.59
C ILE B 411 -15.48 -21.88 14.06
N SER B 412 -14.24 -22.21 13.73
CA SER B 412 -13.61 -23.48 14.15
C SER B 412 -13.60 -23.61 15.69
N LEU B 413 -13.34 -22.50 16.39
CA LEU B 413 -13.33 -22.51 17.87
C LEU B 413 -14.73 -22.82 18.36
N LYS B 414 -15.74 -22.11 17.86
CA LYS B 414 -17.16 -22.36 18.21
C LYS B 414 -17.45 -23.86 18.00
N GLN B 415 -16.98 -24.42 16.89
CA GLN B 415 -17.36 -25.81 16.50
C GLN B 415 -16.66 -26.74 17.48
N ALA B 416 -15.38 -26.54 17.74
CA ALA B 416 -14.62 -27.37 18.70
C ALA B 416 -15.23 -27.27 20.10
N ASP B 417 -15.66 -26.07 20.55
CA ASP B 417 -16.29 -25.90 21.88
C ASP B 417 -17.60 -26.69 21.93
N LYS B 418 -18.43 -26.61 20.89
CA LYS B 418 -19.71 -27.36 20.80
C LYS B 418 -19.44 -28.87 20.88
N LYS B 419 -18.37 -29.36 20.23
CA LYS B 419 -17.99 -30.79 20.25
C LYS B 419 -17.70 -31.16 21.69
N ILE B 420 -16.71 -30.50 22.32
CA ILE B 420 -16.22 -30.88 23.68
C ILE B 420 -17.30 -30.63 24.74
N ARG B 421 -18.18 -29.66 24.55
CA ARG B 421 -19.31 -29.37 25.47
C ARG B 421 -20.20 -30.61 25.61
N GLU B 422 -20.30 -31.47 24.60
CA GLU B 422 -21.08 -32.76 24.65
C GLU B 422 -20.51 -33.71 25.70
N CYS B 423 -19.18 -33.75 25.89
CA CYS B 423 -18.49 -34.70 26.78
C CYS B 423 -18.58 -34.21 28.24
N ASN B 424 -19.43 -33.20 28.50
CA ASN B 424 -19.69 -32.63 29.85
C ASN B 424 -21.06 -33.06 30.37
N LEU B 425 -21.83 -33.83 29.58
CA LEU B 425 -23.21 -34.28 29.92
C LEU B 425 -23.17 -35.59 30.72
#